data_2PJ3
#
_entry.id   2PJ3
#
_cell.length_a   66.570
_cell.length_b   95.950
_cell.length_c   135.649
_cell.angle_alpha   90.00
_cell.angle_beta   90.00
_cell.angle_gamma   90.00
#
_symmetry.space_group_name_H-M   'P 21 21 21'
#
loop_
_entity.id
_entity.type
_entity.pdbx_description
1 polymer 'Carboxypeptidase B'
2 non-polymer 'ZINC ION'
3 non-polymer '(2S)-(3-{[AMINO(IMINO)METHYL]AMINO}PHENYL){[(S)-HYDROXY{(1R)-2-METHYL-1-[(3-PHENYLPROPANOYL)AMINO]PROPYL}PHOSPHORYL]OXY}ACETIC ACID'
4 water water
#
_entity_poly.entity_id   1
_entity_poly.type   'polypeptide(L)'
_entity_poly.pdbx_seq_one_letter_code
;TTGHSYEKYNNWETIEAWTKQVTSENPDLISRTAIGTTFLGNNIYLLKVGKPGPNKPAIFMDCGFHAREWISHAFCQWFV
REAVLTYGYESHMTEFLNKLDFYVLPVLNIDGYIYTWTKNRMWRKTRSTNAGTTCIGTDPNRNFDAGWCTTGASTDPCDE
TYCGSAAESEKETKALADFIRNNLSSIKAYLTIHSYSQMILYPYSYDYKLPENNAELNNLAKAAVKELATLYGTKYTYGP
GATTIYPAAGGSDDWAYDQGIKYSFTFELRDKGRYGFILPESQIQATCEETMLAIKYVTNYVLGHL
;
_entity_poly.pdbx_strand_id   A,B,C
#
# COMPACT_ATOMS: atom_id res chain seq x y z
N GLY A 3 20.59 -3.25 31.38
CA GLY A 3 21.91 -3.21 31.99
C GLY A 3 23.00 -3.03 30.94
N HIS A 4 24.17 -2.59 31.39
CA HIS A 4 25.31 -2.42 30.51
C HIS A 4 26.04 -3.75 30.30
N SER A 5 26.52 -3.97 29.07
CA SER A 5 27.42 -5.09 28.80
C SER A 5 28.50 -4.67 27.82
N TYR A 6 29.74 -5.07 28.08
CA TYR A 6 30.84 -4.71 27.22
C TYR A 6 30.90 -5.55 25.94
N GLU A 7 30.16 -6.65 25.91
CA GLU A 7 30.11 -7.48 24.71
C GLU A 7 28.75 -7.41 24.02
N LYS A 8 28.01 -6.34 24.30
CA LYS A 8 26.80 -6.02 23.54
C LYS A 8 26.81 -4.54 23.21
N TYR A 9 26.04 -4.16 22.19
CA TYR A 9 25.89 -2.75 21.89
C TYR A 9 24.84 -2.17 22.83
N ASN A 10 25.18 -1.05 23.45
CA ASN A 10 24.34 -0.44 24.48
C ASN A 10 23.71 0.83 23.95
N ASN A 11 22.44 1.07 24.28
CA ASN A 11 21.81 2.32 23.86
C ASN A 11 22.37 3.50 24.67
N TRP A 12 22.05 4.72 24.25
CA TRP A 12 22.69 5.87 24.87
C TRP A 12 22.37 5.96 26.36
N GLU A 13 21.12 5.70 26.72
CA GLU A 13 20.70 5.79 28.10
C GLU A 13 21.62 4.92 28.95
N THR A 14 21.93 3.73 28.43
CA THR A 14 22.78 2.79 29.14
C THR A 14 24.24 3.23 29.14
N ILE A 15 24.72 3.75 28.02
CA ILE A 15 26.07 4.25 27.97
C ILE A 15 26.26 5.42 28.94
N GLU A 16 25.27 6.31 28.96
CA GLU A 16 25.33 7.45 29.88
C GLU A 16 25.40 6.99 31.33
N ALA A 17 24.55 6.05 31.71
CA ALA A 17 24.54 5.53 33.06
C ALA A 17 25.88 4.89 33.36
N TRP A 18 26.46 4.27 32.34
CA TRP A 18 27.76 3.63 32.48
C TRP A 18 28.87 4.65 32.74
N THR A 19 28.84 5.79 32.05
CA THR A 19 29.87 6.80 32.26
C THR A 19 29.87 7.26 33.71
N LYS A 20 28.69 7.34 34.31
CA LYS A 20 28.55 7.73 35.70
C LYS A 20 29.04 6.61 36.62
N GLN A 21 28.64 5.39 36.33
CA GLN A 21 28.96 4.27 37.20
C GLN A 21 30.45 3.92 37.17
N VAL A 22 31.04 3.87 35.99
CA VAL A 22 32.44 3.47 35.89
C VAL A 22 33.31 4.53 36.54
N THR A 23 32.89 5.79 36.45
CA THR A 23 33.58 6.90 37.11
C THR A 23 33.44 6.76 38.62
N SER A 24 32.22 6.51 39.09
CA SER A 24 31.97 6.37 40.53
C SER A 24 32.76 5.22 41.11
N GLU A 25 32.93 4.16 40.32
CA GLU A 25 33.60 2.95 40.80
C GLU A 25 35.12 3.07 40.70
N ASN A 26 35.61 4.07 39.98
CA ASN A 26 37.05 4.26 39.79
C ASN A 26 37.48 5.72 39.84
N PRO A 27 37.14 6.43 40.92
CA PRO A 27 37.45 7.86 41.03
C PRO A 27 38.94 8.17 41.08
N ASP A 28 39.75 7.14 41.34
CA ASP A 28 41.20 7.31 41.38
C ASP A 28 41.83 7.06 40.02
N LEU A 29 41.00 6.82 39.01
CA LEU A 29 41.49 6.60 37.66
C LEU A 29 40.64 7.31 36.60
N ILE A 30 39.45 7.75 36.98
CA ILE A 30 38.55 8.40 36.02
C ILE A 30 37.87 9.63 36.59
N SER A 31 37.89 10.72 35.81
CA SER A 31 37.01 11.85 36.08
C SER A 31 36.10 12.06 34.88
N ARG A 32 34.83 12.36 35.15
CA ARG A 32 33.87 12.62 34.08
C ARG A 32 33.49 14.09 34.03
N THR A 33 33.58 14.66 32.83
CA THR A 33 33.09 16.01 32.60
C THR A 33 32.13 15.99 31.41
N ALA A 34 31.41 17.08 31.23
CA ALA A 34 30.64 17.29 30.01
C ALA A 34 31.26 18.46 29.26
N ILE A 35 31.46 18.32 27.96
CA ILE A 35 32.13 19.36 27.20
C ILE A 35 31.16 20.10 26.30
N GLY A 36 29.87 19.83 26.49
CA GLY A 36 28.86 20.52 25.71
C GLY A 36 27.59 19.70 25.59
N THR A 37 26.59 20.27 24.93
CA THR A 37 25.37 19.53 24.65
C THR A 37 25.24 19.29 23.15
N THR A 38 24.48 18.25 22.79
CA THR A 38 24.21 17.97 21.39
C THR A 38 23.04 18.83 20.93
N PHE A 39 22.73 18.78 19.64
CA PHE A 39 21.61 19.55 19.12
C PHE A 39 20.32 19.24 19.88
N LEU A 40 20.14 17.97 20.23
CA LEU A 40 18.91 17.54 20.92
C LEU A 40 19.07 17.51 22.43
N GLY A 41 20.15 18.10 22.94
CA GLY A 41 20.27 18.34 24.36
C GLY A 41 20.83 17.18 25.18
N ASN A 42 21.49 16.24 24.52
CA ASN A 42 22.16 15.17 25.26
C ASN A 42 23.55 15.62 25.70
N ASN A 43 24.09 15.00 26.74
CA ASN A 43 25.33 15.47 27.34
C ASN A 43 26.54 14.78 26.73
N ILE A 44 27.47 15.58 26.21
CA ILE A 44 28.66 15.05 25.56
C ILE A 44 29.73 14.80 26.62
N TYR A 45 29.77 13.57 27.12
CA TYR A 45 30.68 13.24 28.21
C TYR A 45 32.09 13.03 27.71
N LEU A 46 33.04 13.39 28.57
CA LEU A 46 34.45 13.13 28.32
C LEU A 46 35.01 12.48 29.57
N LEU A 47 35.67 11.35 29.40
CA LEU A 47 36.29 10.66 30.53
C LEU A 47 37.78 10.92 30.50
N LYS A 48 38.33 11.42 31.61
CA LYS A 48 39.77 11.59 31.74
C LYS A 48 40.29 10.39 32.49
N VAL A 49 40.94 9.49 31.76
CA VAL A 49 41.39 8.22 32.31
C VAL A 49 42.89 8.30 32.57
N GLY A 50 43.28 8.04 33.81
CA GLY A 50 44.69 8.14 34.18
C GLY A 50 44.84 8.39 35.67
N LYS A 51 46.05 8.17 36.18
CA LYS A 51 46.33 8.43 37.58
C LYS A 51 46.55 9.92 37.75
N PRO A 52 45.68 10.59 38.51
CA PRO A 52 45.72 12.05 38.55
C PRO A 52 47.03 12.65 39.05
N GLY A 53 47.42 13.76 38.44
CA GLY A 53 48.65 14.45 38.80
C GLY A 53 48.77 15.72 37.99
N PRO A 54 49.67 16.63 38.38
CA PRO A 54 49.88 17.94 37.75
C PRO A 54 50.56 17.87 36.37
N ASN A 55 50.16 18.77 35.48
CA ASN A 55 50.76 18.91 34.14
C ASN A 55 51.13 17.58 33.49
N LYS A 56 50.15 16.73 33.27
CA LYS A 56 50.39 15.51 32.52
C LYS A 56 50.09 15.73 31.04
N PRO A 57 50.91 15.13 30.17
CA PRO A 57 50.58 15.08 28.74
C PRO A 57 49.37 14.18 28.56
N ALA A 58 48.78 14.20 27.36
CA ALA A 58 47.56 13.45 27.13
C ALA A 58 47.47 12.87 25.73
N ILE A 59 46.66 11.83 25.60
CA ILE A 59 46.23 11.34 24.29
C ILE A 59 44.72 11.50 24.23
N PHE A 60 44.22 11.97 23.10
CA PHE A 60 42.77 12.17 22.93
C PHE A 60 42.21 11.12 21.97
N MET A 61 41.16 10.43 22.42
CA MET A 61 40.49 9.45 21.58
C MET A 61 38.98 9.63 21.64
N ASP A 62 38.35 9.71 20.48
CA ASP A 62 36.89 9.73 20.44
C ASP A 62 36.32 8.54 19.67
N CYS A 63 35.07 8.21 20.00
CA CYS A 63 34.32 7.20 19.28
C CYS A 63 32.96 7.78 18.90
N GLY A 64 32.29 7.12 17.97
CA GLY A 64 30.90 7.46 17.71
C GLY A 64 30.69 8.74 16.93
N PHE A 65 31.65 9.13 16.10
CA PHE A 65 31.45 10.24 15.18
C PHE A 65 30.23 9.92 14.32
N HIS A 66 30.19 8.68 13.83
CA HIS A 66 29.15 8.29 12.88
C HIS A 66 28.19 7.28 13.50
N ALA A 67 26.90 7.58 13.43
CA ALA A 67 25.89 6.92 14.26
C ALA A 67 25.85 5.41 14.08
N ARG A 68 25.96 4.94 12.83
CA ARG A 68 25.77 3.53 12.51
C ARG A 68 26.98 2.66 12.79
N GLU A 69 28.11 3.29 13.11
CA GLU A 69 29.35 2.57 13.32
C GLU A 69 29.46 2.09 14.76
N TRP A 70 28.59 1.14 15.12
CA TRP A 70 28.37 0.77 16.51
C TRP A 70 29.59 0.17 17.20
N ILE A 71 30.45 -0.50 16.44
CA ILE A 71 31.64 -1.10 17.03
C ILE A 71 32.59 -0.02 17.56
N SER A 72 32.50 1.19 17.01
CA SER A 72 33.28 2.32 17.51
C SER A 72 32.91 2.65 18.96
N HIS A 73 31.63 2.90 19.20
CA HIS A 73 31.15 3.20 20.55
C HIS A 73 31.58 2.07 21.49
N ALA A 74 31.45 0.84 21.01
CA ALA A 74 31.76 -0.32 21.83
C ALA A 74 33.23 -0.31 22.24
N PHE A 75 34.10 0.13 21.34
CA PHE A 75 35.52 0.11 21.64
C PHE A 75 35.92 1.06 22.76
N CYS A 76 35.40 2.29 22.73
CA CYS A 76 35.76 3.25 23.78
C CYS A 76 35.39 2.71 25.16
N GLN A 77 34.24 2.06 25.26
CA GLN A 77 33.84 1.47 26.54
C GLN A 77 34.78 0.35 26.91
N TRP A 78 35.16 -0.47 25.93
CA TRP A 78 36.05 -1.60 26.18
C TRP A 78 37.39 -1.11 26.67
N PHE A 79 37.88 -0.06 26.03
CA PHE A 79 39.17 0.53 26.38
C PHE A 79 39.20 0.98 27.84
N VAL A 80 38.12 1.62 28.28
CA VAL A 80 38.07 2.15 29.62
C VAL A 80 38.11 1.04 30.67
N ARG A 81 37.39 -0.05 30.43
CA ARG A 81 37.44 -1.17 31.36
C ARG A 81 38.86 -1.76 31.42
N GLU A 82 39.47 -1.96 30.27
CA GLU A 82 40.82 -2.53 30.25
C GLU A 82 41.76 -1.64 31.07
N ALA A 83 41.58 -0.33 30.96
CA ALA A 83 42.42 0.61 31.68
C ALA A 83 42.30 0.42 33.18
N VAL A 84 41.07 0.45 33.69
CA VAL A 84 40.86 0.43 35.13
C VAL A 84 41.09 -0.96 35.74
N LEU A 85 40.90 -2.01 34.96
CA LEU A 85 41.10 -3.36 35.49
C LEU A 85 42.58 -3.76 35.52
N THR A 86 43.35 -3.30 34.53
CA THR A 86 44.73 -3.73 34.42
C THR A 86 45.73 -2.75 35.02
N TYR A 87 45.27 -1.56 35.40
CA TYR A 87 46.18 -0.61 36.04
C TYR A 87 46.77 -1.21 37.31
N GLY A 88 48.08 -1.14 37.44
CA GLY A 88 48.74 -1.66 38.62
C GLY A 88 49.21 -3.09 38.46
N TYR A 89 48.67 -3.78 37.45
CA TYR A 89 49.02 -5.17 37.21
C TYR A 89 49.80 -5.35 35.92
N GLU A 90 49.31 -4.76 34.83
CA GLU A 90 50.01 -4.81 33.56
C GLU A 90 50.93 -3.60 33.45
N SER A 91 52.22 -3.84 33.29
CA SER A 91 53.22 -2.79 33.44
C SER A 91 53.06 -1.63 32.44
N HIS A 92 52.64 -1.94 31.22
CA HIS A 92 52.53 -0.89 30.20
C HIS A 92 51.37 0.06 30.50
N MET A 93 50.19 -0.49 30.75
CA MET A 93 49.04 0.34 31.07
C MET A 93 49.29 1.12 32.36
N THR A 94 49.97 0.51 33.32
CA THR A 94 50.29 1.20 34.57
C THR A 94 51.15 2.43 34.28
N GLU A 95 52.19 2.26 33.46
CA GLU A 95 53.06 3.38 33.12
C GLU A 95 52.31 4.41 32.28
N PHE A 96 51.45 3.94 31.37
CA PHE A 96 50.66 4.84 30.54
C PHE A 96 49.84 5.80 31.42
N LEU A 97 49.09 5.25 32.35
CA LEU A 97 48.18 6.06 33.15
C LEU A 97 48.90 6.87 34.21
N ASN A 98 50.09 6.44 34.61
CA ASN A 98 50.89 7.22 35.54
C ASN A 98 51.44 8.46 34.85
N LYS A 99 51.84 8.30 33.59
CA LYS A 99 52.56 9.34 32.87
C LYS A 99 51.66 10.27 32.07
N LEU A 100 50.54 9.75 31.58
CA LEU A 100 49.66 10.58 30.78
C LEU A 100 48.20 10.36 31.11
N ASP A 101 47.34 11.21 30.55
CA ASP A 101 45.91 10.99 30.61
C ASP A 101 45.41 10.59 29.22
N PHE A 102 44.47 9.66 29.19
CA PHE A 102 43.67 9.43 27.99
C PHE A 102 42.40 10.23 28.14
N TYR A 103 42.15 11.14 27.22
CA TYR A 103 40.83 11.74 27.14
C TYR A 103 40.00 10.87 26.22
N VAL A 104 39.01 10.19 26.80
CA VAL A 104 38.16 9.31 26.02
C VAL A 104 36.77 9.92 25.91
N LEU A 105 36.35 10.18 24.68
CA LEU A 105 35.03 10.73 24.42
C LEU A 105 34.19 9.60 23.83
N PRO A 106 33.39 8.92 24.66
CA PRO A 106 32.78 7.64 24.24
C PRO A 106 31.82 7.73 23.07
N VAL A 107 31.01 8.79 23.03
CA VAL A 107 30.11 9.01 21.91
C VAL A 107 30.02 10.50 21.60
N LEU A 108 30.47 10.88 20.41
CA LEU A 108 30.37 12.28 19.99
C LEU A 108 28.97 12.58 19.45
N ASN A 109 28.57 11.81 18.45
CA ASN A 109 27.30 12.03 17.76
C ASN A 109 26.19 11.23 18.46
N ILE A 110 25.78 11.71 19.63
CA ILE A 110 24.81 11.01 20.45
C ILE A 110 23.44 10.99 19.81
N ASP A 111 23.04 12.13 19.25
CA ASP A 111 21.72 12.27 18.65
C ASP A 111 21.52 11.28 17.52
N GLY A 112 22.53 11.16 16.68
CA GLY A 112 22.48 10.20 15.58
C GLY A 112 22.47 8.77 16.09
N TYR A 113 23.26 8.51 17.12
CA TYR A 113 23.32 7.16 17.68
C TYR A 113 21.97 6.73 18.23
N ILE A 114 21.31 7.64 18.95
CA ILE A 114 19.98 7.33 19.46
C ILE A 114 19.06 7.01 18.29
N TYR A 115 19.20 7.75 17.19
CA TYR A 115 18.34 7.53 16.03
C TYR A 115 18.54 6.15 15.41
N THR A 116 19.76 5.61 15.49
CA THR A 116 20.00 4.27 14.93
C THR A 116 19.36 3.19 15.78
N TRP A 117 19.04 3.53 17.03
CA TRP A 117 18.36 2.61 17.93
C TRP A 117 16.84 2.72 17.80
N THR A 118 16.36 3.92 17.55
CA THR A 118 14.92 4.18 17.58
C THR A 118 14.26 4.12 16.21
N LYS A 119 14.99 4.47 15.16
CA LYS A 119 14.37 4.64 13.85
C LYS A 119 15.09 4.01 12.67
N ASN A 120 16.37 4.33 12.50
CA ASN A 120 17.07 3.89 11.30
C ASN A 120 18.51 3.50 11.61
N ARG A 121 18.78 2.20 11.50
CA ARG A 121 20.04 1.62 11.91
C ARG A 121 21.21 2.16 11.10
N MET A 122 20.93 2.64 9.89
CA MET A 122 21.97 3.04 8.96
C MET A 122 22.17 4.57 8.91
N TRP A 123 21.61 5.29 9.86
CA TRP A 123 21.85 6.73 9.94
C TRP A 123 23.32 7.01 10.22
N ARG A 124 23.83 8.10 9.64
CA ARG A 124 25.25 8.44 9.70
C ARG A 124 25.48 9.79 10.35
N LYS A 125 24.67 10.75 9.97
CA LYS A 125 24.89 12.17 10.29
C LYS A 125 24.40 12.53 11.69
N THR A 126 24.53 13.81 12.03
CA THR A 126 23.89 14.35 13.22
C THR A 126 22.38 14.41 12.96
N ARG A 127 21.64 14.98 13.91
CA ARG A 127 20.20 15.12 13.73
C ARG A 127 19.73 16.57 13.79
N SER A 128 20.61 17.50 13.42
CA SER A 128 20.25 18.91 13.46
C SER A 128 19.34 19.26 12.28
N THR A 129 18.50 20.28 12.47
CA THR A 129 17.65 20.74 11.38
C THR A 129 18.44 21.64 10.44
N ASN A 130 17.93 21.79 9.22
CA ASN A 130 18.58 22.61 8.21
C ASN A 130 17.57 23.59 7.64
N ALA A 131 17.99 24.85 7.49
CA ALA A 131 17.11 25.91 7.02
C ALA A 131 16.63 25.60 5.61
N GLY A 132 15.34 25.80 5.37
CA GLY A 132 14.80 25.73 4.02
C GLY A 132 14.55 24.34 3.49
N THR A 133 14.67 23.31 4.34
CA THR A 133 14.46 21.93 3.91
C THR A 133 14.03 21.05 5.07
N THR A 134 13.38 19.93 4.73
CA THR A 134 13.03 18.93 5.74
C THR A 134 14.19 17.98 6.01
N CYS A 135 15.22 18.04 5.19
CA CYS A 135 16.35 17.12 5.36
C CYS A 135 17.12 17.40 6.64
N ILE A 136 17.55 16.32 7.28
CA ILE A 136 18.13 16.38 8.62
C ILE A 136 19.62 16.02 8.59
N GLY A 137 20.41 16.80 9.33
CA GLY A 137 21.74 16.31 9.70
C GLY A 137 22.91 16.77 8.87
N THR A 138 24.07 16.80 9.51
CA THR A 138 25.34 17.16 8.90
C THR A 138 26.32 16.02 9.18
N ASP A 139 27.20 15.73 8.24
CA ASP A 139 28.24 14.73 8.46
C ASP A 139 29.30 15.38 9.36
N PRO A 140 29.42 14.91 10.61
CA PRO A 140 30.37 15.56 11.53
C PRO A 140 31.80 15.51 11.02
N ASN A 141 32.14 14.47 10.27
CA ASN A 141 33.51 14.37 9.77
C ASN A 141 33.69 15.04 8.41
N ARG A 142 32.76 15.93 8.09
CA ARG A 142 32.95 16.88 6.99
C ARG A 142 32.84 18.31 7.51
N ASN A 143 32.77 18.46 8.84
CA ASN A 143 32.37 19.72 9.45
C ASN A 143 33.52 20.45 10.14
N PHE A 144 34.75 19.95 9.97
CA PHE A 144 35.91 20.61 10.58
C PHE A 144 36.66 21.51 9.61
N ASP A 145 37.41 22.46 10.16
CA ASP A 145 38.13 23.41 9.33
C ASP A 145 39.41 22.80 8.77
N ALA A 146 39.26 21.89 7.82
CA ALA A 146 40.37 21.26 7.14
C ALA A 146 40.06 21.21 5.65
N GLY A 147 40.42 22.27 4.94
CA GLY A 147 39.98 22.42 3.56
C GLY A 147 38.47 22.28 3.47
N TRP A 148 37.77 22.87 4.43
CA TRP A 148 36.34 22.63 4.62
C TRP A 148 35.51 22.63 3.34
N CYS A 149 34.82 21.52 3.12
CA CYS A 149 33.87 21.34 2.03
C CYS A 149 34.43 21.43 0.61
N THR A 150 35.74 21.34 0.46
CA THR A 150 36.35 21.52 -0.86
C THR A 150 36.37 20.25 -1.73
N THR A 151 36.31 19.09 -1.10
CA THR A 151 36.30 17.84 -1.85
C THR A 151 35.68 16.70 -1.03
N GLY A 152 35.11 15.72 -1.72
CA GLY A 152 34.56 14.56 -1.04
C GLY A 152 33.44 14.90 -0.08
N ALA A 153 32.85 16.09 -0.26
CA ALA A 153 31.77 16.54 0.60
C ALA A 153 30.65 17.17 -0.23
N SER A 154 29.45 17.18 0.30
CA SER A 154 28.32 17.76 -0.39
C SER A 154 27.85 19.04 0.30
N THR A 155 27.35 20.00 -0.48
CA THR A 155 26.78 21.20 0.11
C THR A 155 25.27 21.06 0.26
N ASP A 156 24.74 19.87 0.02
CA ASP A 156 23.30 19.63 0.07
C ASP A 156 22.94 18.93 1.38
N PRO A 157 22.08 19.55 2.19
CA PRO A 157 21.70 18.95 3.48
C PRO A 157 21.01 17.60 3.38
N CYS A 158 20.53 17.24 2.19
CA CYS A 158 19.87 15.95 2.02
C CYS A 158 20.84 14.81 1.76
N ASP A 159 22.12 15.15 1.66
CA ASP A 159 23.14 14.16 1.34
C ASP A 159 23.88 13.67 2.59
N GLU A 160 24.42 12.46 2.51
CA GLU A 160 25.04 11.80 3.64
C GLU A 160 26.36 12.42 4.06
N THR A 161 27.00 13.13 3.13
CA THR A 161 28.27 13.79 3.43
C THR A 161 28.13 15.31 3.48
N TYR A 162 26.94 15.79 3.79
CA TYR A 162 26.72 17.22 3.92
C TYR A 162 27.74 17.85 4.87
N CYS A 163 28.42 18.89 4.41
CA CYS A 163 29.52 19.46 5.17
C CYS A 163 29.05 20.51 6.18
N GLY A 164 27.77 20.84 6.16
CA GLY A 164 27.23 21.82 7.09
C GLY A 164 27.17 23.21 6.48
N SER A 165 26.61 24.15 7.22
CA SER A 165 26.50 25.53 6.77
C SER A 165 27.84 26.26 6.86
N ALA A 166 28.70 25.76 7.74
CA ALA A 166 30.05 26.28 7.90
C ALA A 166 30.81 25.31 8.80
N ALA A 167 32.13 25.39 8.81
CA ALA A 167 32.93 24.56 9.69
C ALA A 167 32.50 24.80 11.14
N GLU A 168 32.34 23.71 11.89
CA GLU A 168 31.94 23.75 13.29
C GLU A 168 30.54 24.33 13.49
N SER A 169 29.70 24.20 12.46
CA SER A 169 28.31 24.63 12.57
C SER A 169 27.52 23.72 13.50
N GLU A 170 28.00 22.50 13.70
CA GLU A 170 27.33 21.55 14.59
C GLU A 170 27.82 21.75 16.02
N LYS A 171 26.90 21.70 16.98
CA LYS A 171 27.29 21.88 18.37
C LYS A 171 28.33 20.85 18.81
N GLU A 172 28.21 19.64 18.27
CA GLU A 172 29.08 18.55 18.70
C GLU A 172 30.51 18.73 18.20
N THR A 173 30.67 19.14 16.95
CA THR A 173 32.02 19.32 16.41
C THR A 173 32.65 20.58 17.01
N LYS A 174 31.84 21.62 17.22
CA LYS A 174 32.33 22.82 17.90
C LYS A 174 32.81 22.46 19.30
N ALA A 175 32.07 21.59 19.99
CA ALA A 175 32.42 21.21 21.35
C ALA A 175 33.75 20.49 21.38
N LEU A 176 33.94 19.56 20.44
CA LEU A 176 35.17 18.80 20.36
C LEU A 176 36.35 19.71 20.01
N ALA A 177 36.15 20.56 19.01
CA ALA A 177 37.21 21.45 18.55
C ALA A 177 37.60 22.43 19.65
N ASP A 178 36.61 22.93 20.38
CA ASP A 178 36.88 23.86 21.47
C ASP A 178 37.74 23.17 22.53
N PHE A 179 37.37 21.94 22.89
CA PHE A 179 38.11 21.25 23.92
C PHE A 179 39.55 21.03 23.49
N ILE A 180 39.74 20.57 22.26
CA ILE A 180 41.08 20.28 21.80
C ILE A 180 41.91 21.57 21.70
N ARG A 181 41.30 22.63 21.21
CA ARG A 181 42.00 23.91 21.14
C ARG A 181 42.41 24.41 22.53
N ASN A 182 41.60 24.11 23.54
CA ASN A 182 41.87 24.58 24.89
C ASN A 182 42.91 23.72 25.61
N ASN A 183 43.31 22.61 24.98
CA ASN A 183 44.23 21.68 25.61
C ASN A 183 45.38 21.24 24.69
N LEU A 184 45.73 22.11 23.74
CA LEU A 184 46.76 21.79 22.76
C LEU A 184 48.14 21.58 23.38
N SER A 185 48.39 22.23 24.52
CA SER A 185 49.69 22.11 25.16
C SER A 185 49.93 20.71 25.71
N SER A 186 48.85 19.97 25.94
CA SER A 186 48.97 18.65 26.55
C SER A 186 48.70 17.50 25.59
N ILE A 187 47.82 17.72 24.61
CA ILE A 187 47.42 16.63 23.72
C ILE A 187 48.51 16.31 22.70
N LYS A 188 49.03 15.10 22.76
CA LYS A 188 50.16 14.70 21.93
C LYS A 188 49.75 13.79 20.77
N ALA A 189 48.60 13.15 20.91
CA ALA A 189 48.07 12.31 19.85
C ALA A 189 46.56 12.45 19.78
N TYR A 190 46.01 12.32 18.58
CA TYR A 190 44.57 12.33 18.37
C TYR A 190 44.17 11.05 17.64
N LEU A 191 43.27 10.28 18.25
CA LEU A 191 42.84 9.00 17.69
C LEU A 191 41.32 9.01 17.56
N THR A 192 40.83 8.83 16.34
CA THR A 192 39.39 8.86 16.14
C THR A 192 38.90 7.55 15.56
N ILE A 193 37.93 6.93 16.22
CA ILE A 193 37.55 5.55 15.95
C ILE A 193 36.30 5.45 15.09
N HIS A 194 36.45 4.77 13.95
CA HIS A 194 35.39 4.58 12.97
C HIS A 194 35.30 3.10 12.58
N SER A 195 34.29 2.76 11.79
CA SER A 195 34.26 1.48 11.07
C SER A 195 33.52 1.73 9.75
N TYR A 196 33.66 0.87 8.75
CA TYR A 196 34.52 -0.32 8.78
C TYR A 196 35.54 -0.20 7.65
N SER A 197 36.56 -1.07 7.66
CA SER A 197 37.49 -1.25 6.53
C SER A 197 38.81 -1.88 6.97
N GLN A 198 39.02 -1.97 8.28
CA GLN A 198 40.27 -2.49 8.81
C GLN A 198 41.46 -1.72 8.25
N MET A 199 41.54 -0.45 8.61
CA MET A 199 42.63 0.41 8.19
C MET A 199 43.06 1.32 9.32
N ILE A 200 44.31 1.77 9.25
CA ILE A 200 44.75 2.94 10.01
C ILE A 200 45.14 4.03 9.02
N LEU A 201 44.43 5.15 9.04
CA LEU A 201 44.75 6.27 8.16
C LEU A 201 45.41 7.42 8.92
N TYR A 202 46.31 8.12 8.25
CA TYR A 202 46.85 9.37 8.76
C TYR A 202 46.72 10.44 7.68
N PRO A 203 46.93 11.71 8.02
CA PRO A 203 46.70 12.80 7.05
C PRO A 203 47.56 12.64 5.80
N TYR A 204 47.14 13.24 4.67
CA TYR A 204 45.93 14.05 4.60
C TYR A 204 44.84 13.38 3.79
N SER A 205 43.60 13.75 4.06
CA SER A 205 42.48 13.34 3.22
C SER A 205 41.96 14.48 2.38
N TYR A 206 42.09 15.73 2.86
CA TYR A 206 41.53 16.85 2.13
C TYR A 206 42.40 17.30 0.97
N ASP A 207 43.61 16.76 0.90
CA ASP A 207 44.53 17.07 -0.21
C ASP A 207 45.50 15.90 -0.36
N TYR A 208 46.13 15.80 -1.53
CA TYR A 208 47.10 14.74 -1.75
C TYR A 208 48.47 15.09 -1.17
N LYS A 209 48.60 16.30 -0.63
CA LYS A 209 49.85 16.67 0.04
C LYS A 209 50.06 15.76 1.23
N LEU A 210 51.33 15.55 1.59
CA LEU A 210 51.66 14.67 2.70
C LEU A 210 52.14 15.48 3.91
N PRO A 211 51.86 14.96 5.11
CA PRO A 211 52.34 15.60 6.35
C PRO A 211 53.86 15.55 6.42
N GLU A 212 54.45 16.53 7.09
CA GLU A 212 55.90 16.65 7.18
C GLU A 212 56.54 15.40 7.77
N ASN A 213 55.84 14.75 8.70
CA ASN A 213 56.36 13.54 9.33
C ASN A 213 55.72 12.28 8.78
N ASN A 214 55.42 12.26 7.49
CA ASN A 214 54.68 11.15 6.91
C ASN A 214 55.48 9.84 6.94
N ALA A 215 56.80 9.93 6.91
CA ALA A 215 57.63 8.73 7.01
C ALA A 215 57.47 8.08 8.39
N GLU A 216 57.48 8.92 9.42
CA GLU A 216 57.31 8.45 10.78
C GLU A 216 55.91 7.86 10.97
N LEU A 217 54.90 8.57 10.45
CA LEU A 217 53.52 8.10 10.59
C LEU A 217 53.30 6.78 9.88
N ASN A 218 53.95 6.60 8.74
CA ASN A 218 53.83 5.34 8.01
C ASN A 218 54.48 4.23 8.80
N ASN A 219 55.65 4.49 9.36
CA ASN A 219 56.36 3.49 10.14
C ASN A 219 55.55 3.12 11.38
N LEU A 220 54.94 4.13 12.00
CA LEU A 220 54.12 3.91 13.19
C LEU A 220 52.88 3.09 12.86
N ALA A 221 52.20 3.45 11.77
CA ALA A 221 50.99 2.73 11.37
C ALA A 221 51.33 1.29 11.00
N LYS A 222 52.47 1.11 10.33
CA LYS A 222 52.93 -0.22 9.94
C LYS A 222 53.14 -1.11 11.17
N ALA A 223 53.75 -0.55 12.21
CA ALA A 223 54.02 -1.34 13.41
C ALA A 223 52.74 -1.61 14.19
N ALA A 224 51.82 -0.66 14.16
CA ALA A 224 50.55 -0.83 14.85
C ALA A 224 49.71 -1.93 14.21
N VAL A 225 49.70 -2.00 12.89
CA VAL A 225 48.91 -3.03 12.21
C VAL A 225 49.58 -4.40 12.38
N LYS A 226 50.90 -4.42 12.46
CA LYS A 226 51.60 -5.66 12.74
C LYS A 226 51.25 -6.18 14.13
N GLU A 227 51.25 -5.29 15.11
CA GLU A 227 50.85 -5.62 16.48
C GLU A 227 49.42 -6.14 16.52
N LEU A 228 48.53 -5.46 15.83
CA LEU A 228 47.13 -5.84 15.86
C LEU A 228 46.93 -7.27 15.37
N ALA A 229 47.68 -7.62 14.32
CA ALA A 229 47.54 -8.92 13.67
C ALA A 229 48.02 -10.08 14.53
N THR A 230 48.87 -9.79 15.52
CA THR A 230 49.47 -10.85 16.31
C THR A 230 48.44 -11.67 17.09
N LEU A 231 47.28 -11.07 17.35
CA LEU A 231 46.32 -11.68 18.25
C LEU A 231 45.44 -12.71 17.55
N TYR A 232 44.77 -12.29 16.48
CA TYR A 232 43.79 -13.13 15.79
C TYR A 232 44.05 -13.25 14.30
N GLY A 233 45.08 -12.56 13.82
CA GLY A 233 45.44 -12.65 12.41
C GLY A 233 44.72 -11.64 11.52
N THR A 234 43.97 -10.73 12.13
CA THR A 234 43.19 -9.75 11.38
C THR A 234 44.10 -8.81 10.60
N LYS A 235 43.81 -8.63 9.32
CA LYS A 235 44.66 -7.85 8.44
C LYS A 235 44.16 -6.42 8.24
N TYR A 236 45.03 -5.47 8.56
CA TYR A 236 44.77 -4.05 8.33
C TYR A 236 45.73 -3.52 7.28
N THR A 237 45.26 -2.58 6.46
CA THR A 237 46.16 -1.77 5.65
C THR A 237 46.22 -0.35 6.21
N TYR A 238 47.10 0.47 5.64
CA TYR A 238 47.36 1.79 6.20
C TYR A 238 47.97 2.74 5.18
N GLY A 239 47.86 4.04 5.49
CA GLY A 239 48.45 5.04 4.63
C GLY A 239 47.70 6.36 4.75
N PRO A 240 48.08 7.35 3.94
CA PRO A 240 47.38 8.64 3.93
C PRO A 240 45.94 8.46 3.46
N GLY A 241 45.03 9.19 4.10
CA GLY A 241 43.62 9.01 3.80
C GLY A 241 43.28 9.13 2.33
N ALA A 242 43.81 10.16 1.68
CA ALA A 242 43.36 10.52 0.34
C ALA A 242 43.58 9.41 -0.66
N THR A 243 44.72 8.73 -0.58
CA THR A 243 45.04 7.67 -1.52
C THR A 243 44.67 6.29 -1.00
N THR A 244 44.46 6.16 0.31
CA THR A 244 44.22 4.86 0.91
C THR A 244 42.73 4.52 0.98
N ILE A 245 41.88 5.53 1.12
CA ILE A 245 40.44 5.29 1.11
C ILE A 245 39.74 6.19 0.09
N TYR A 246 39.81 7.50 0.31
CA TYR A 246 39.34 8.48 -0.67
C TYR A 246 39.63 9.89 -0.21
N PRO A 247 39.74 10.83 -1.17
CA PRO A 247 39.85 12.25 -0.81
C PRO A 247 38.56 12.72 -0.15
N ALA A 248 38.69 13.45 0.95
CA ALA A 248 37.54 13.98 1.65
C ALA A 248 37.97 15.11 2.58
N ALA A 249 37.29 16.24 2.49
CA ALA A 249 37.65 17.41 3.27
C ALA A 249 36.88 17.48 4.58
N GLY A 250 37.42 18.23 5.54
CA GLY A 250 36.66 18.58 6.72
C GLY A 250 36.69 17.54 7.83
N GLY A 251 37.65 16.62 7.76
CA GLY A 251 37.76 15.59 8.76
C GLY A 251 38.55 16.02 9.98
N SER A 252 38.26 15.40 11.13
CA SER A 252 38.86 15.84 12.38
C SER A 252 40.32 15.42 12.48
N ASP A 253 40.68 14.33 11.84
CA ASP A 253 42.07 13.88 11.90
C ASP A 253 43.00 14.89 11.22
N ASP A 254 42.62 15.36 10.04
CA ASP A 254 43.39 16.38 9.33
C ASP A 254 43.42 17.68 10.12
N TRP A 255 42.27 18.06 10.68
CA TRP A 255 42.20 19.31 11.45
C TRP A 255 43.11 19.25 12.67
N ALA A 256 43.04 18.15 13.41
CA ALA A 256 43.85 18.00 14.62
C ALA A 256 45.33 18.06 14.28
N TYR A 257 45.70 17.46 13.16
CA TYR A 257 47.09 17.46 12.74
C TYR A 257 47.54 18.88 12.45
N ASP A 258 46.69 19.65 11.78
CA ASP A 258 47.03 21.03 11.44
C ASP A 258 47.00 21.96 12.65
N GLN A 259 46.47 21.47 13.77
CA GLN A 259 46.55 22.22 15.02
C GLN A 259 47.91 22.00 15.69
N GLY A 260 48.66 21.03 15.18
CA GLY A 260 49.99 20.78 15.72
C GLY A 260 50.11 19.44 16.44
N ILE A 261 49.03 18.66 16.43
CA ILE A 261 49.06 17.32 17.00
C ILE A 261 49.65 16.35 15.99
N LYS A 262 50.91 15.99 16.20
CA LYS A 262 51.71 15.34 15.15
C LYS A 262 51.34 13.89 14.91
N TYR A 263 50.67 13.27 15.88
CA TYR A 263 50.23 11.90 15.74
C TYR A 263 48.71 11.87 15.66
N SER A 264 48.19 11.75 14.44
CA SER A 264 46.76 11.82 14.22
C SER A 264 46.32 10.68 13.32
N PHE A 265 45.38 9.88 13.80
CA PHE A 265 45.00 8.65 13.12
C PHE A 265 43.50 8.46 13.13
N THR A 266 42.96 8.06 11.99
CA THR A 266 41.61 7.51 11.92
C THR A 266 41.72 5.99 11.87
N PHE A 267 41.09 5.32 12.83
CA PHE A 267 41.00 3.86 12.81
C PHE A 267 39.70 3.43 12.16
N GLU A 268 39.79 2.45 11.26
CA GLU A 268 38.61 1.80 10.71
C GLU A 268 38.64 0.35 11.17
N LEU A 269 37.72 -0.03 12.06
CA LEU A 269 37.73 -1.36 12.65
C LEU A 269 37.08 -2.38 11.71
N ARG A 270 36.82 -3.59 12.23
CA ARG A 270 36.23 -4.65 11.41
C ARG A 270 34.85 -4.23 10.90
N ASP A 271 34.38 -4.84 9.82
CA ASP A 271 35.18 -5.75 9.01
C ASP A 271 35.52 -5.12 7.66
N LYS A 272 35.44 -5.91 6.60
CA LYS A 272 35.78 -5.42 5.27
C LYS A 272 34.54 -5.38 4.37
N GLY A 273 33.38 -5.66 4.95
CA GLY A 273 32.15 -5.51 4.20
C GLY A 273 31.18 -6.67 4.28
N ARG A 274 31.62 -7.79 4.84
CA ARG A 274 30.73 -8.94 4.97
C ARG A 274 29.52 -8.55 5.81
N TYR A 275 29.78 -7.96 6.98
CA TYR A 275 28.71 -7.42 7.81
C TYR A 275 28.69 -5.89 7.75
N GLY A 276 29.84 -5.30 7.42
CA GLY A 276 29.90 -3.85 7.31
C GLY A 276 29.63 -3.17 8.64
N PHE A 277 28.69 -2.23 8.66
CA PHE A 277 28.36 -1.49 9.87
C PHE A 277 27.63 -2.36 10.88
N ILE A 278 27.01 -3.43 10.39
CA ILE A 278 26.19 -4.29 11.24
C ILE A 278 27.03 -5.44 11.76
N LEU A 279 28.14 -5.11 12.40
CA LEU A 279 29.05 -6.13 12.93
C LEU A 279 28.38 -6.85 14.09
N PRO A 280 28.33 -8.18 14.05
CA PRO A 280 27.67 -8.96 15.11
C PRO A 280 28.30 -8.70 16.47
N GLU A 281 27.49 -8.73 17.51
CA GLU A 281 28.00 -8.54 18.88
C GLU A 281 29.03 -9.63 19.21
N SER A 282 28.96 -10.74 18.49
CA SER A 282 29.87 -11.86 18.72
C SER A 282 31.29 -11.56 18.24
N GLN A 283 31.48 -10.42 17.58
CA GLN A 283 32.82 -9.99 17.20
C GLN A 283 33.33 -8.79 17.99
N ILE A 284 32.53 -8.32 18.94
CA ILE A 284 32.92 -7.15 19.72
C ILE A 284 34.21 -7.41 20.51
N GLN A 285 34.27 -8.52 21.22
CA GLN A 285 35.41 -8.75 22.10
C GLN A 285 36.71 -8.92 21.31
N ALA A 286 36.68 -9.70 20.23
CA ALA A 286 37.90 -9.93 19.45
C ALA A 286 38.34 -8.64 18.76
N THR A 287 37.38 -7.93 18.19
CA THR A 287 37.66 -6.65 17.55
C THR A 287 38.31 -5.68 18.52
N CYS A 288 37.73 -5.58 19.72
CA CYS A 288 38.25 -4.63 20.70
C CYS A 288 39.61 -5.05 21.25
N GLU A 289 39.79 -6.34 21.48
CA GLU A 289 41.05 -6.83 22.03
C GLU A 289 42.22 -6.56 21.08
N GLU A 290 42.03 -6.84 19.79
CA GLU A 290 43.12 -6.62 18.84
C GLU A 290 43.33 -5.11 18.65
N THR A 291 42.25 -4.35 18.61
CA THR A 291 42.38 -2.90 18.49
C THR A 291 43.15 -2.33 19.66
N MET A 292 42.93 -2.88 20.85
CA MET A 292 43.66 -2.45 22.05
C MET A 292 45.16 -2.54 21.83
N LEU A 293 45.60 -3.61 21.16
CA LEU A 293 47.03 -3.80 20.96
C LEU A 293 47.61 -2.69 20.09
N ALA A 294 46.84 -2.25 19.10
CA ALA A 294 47.29 -1.18 18.21
C ALA A 294 47.31 0.15 18.95
N ILE A 295 46.29 0.40 19.76
CA ILE A 295 46.22 1.65 20.51
C ILE A 295 47.31 1.73 21.56
N LYS A 296 47.54 0.62 22.26
CA LYS A 296 48.60 0.59 23.27
C LYS A 296 49.97 0.75 22.62
N TYR A 297 50.15 0.20 21.41
CA TYR A 297 51.44 0.34 20.74
C TYR A 297 51.69 1.80 20.42
N VAL A 298 50.68 2.47 19.87
CA VAL A 298 50.82 3.88 19.52
C VAL A 298 51.08 4.72 20.76
N THR A 299 50.39 4.40 21.85
CA THR A 299 50.54 5.15 23.09
C THR A 299 51.96 4.99 23.60
N ASN A 300 52.46 3.76 23.59
CA ASN A 300 53.81 3.48 24.06
C ASN A 300 54.84 4.24 23.24
N TYR A 301 54.59 4.32 21.93
CA TYR A 301 55.49 5.05 21.03
C TYR A 301 55.46 6.54 21.33
N VAL A 302 54.27 7.11 21.42
CA VAL A 302 54.14 8.54 21.66
C VAL A 302 54.79 8.92 22.99
N LEU A 303 54.56 8.10 24.01
CA LEU A 303 55.10 8.38 25.34
C LEU A 303 56.62 8.30 25.31
N GLY A 304 57.13 7.29 24.61
CA GLY A 304 58.57 7.09 24.58
C GLY A 304 59.31 8.14 23.79
N HIS A 305 58.55 9.01 23.11
CA HIS A 305 59.14 10.04 22.28
C HIS A 305 58.77 11.44 22.73
N LEU A 306 58.42 11.58 24.01
CA LEU A 306 58.10 12.89 24.57
C LEU A 306 59.37 13.72 24.83
N THR B 2 25.44 1.01 -5.54
CA THR B 2 25.37 0.38 -6.85
C THR B 2 24.99 1.39 -7.91
N GLY B 3 25.57 1.23 -9.11
CA GLY B 3 25.32 2.17 -10.19
C GLY B 3 23.86 2.14 -10.62
N HIS B 4 23.40 3.26 -11.17
CA HIS B 4 22.02 3.38 -11.62
C HIS B 4 21.88 2.90 -13.06
N SER B 5 20.79 2.19 -13.35
CA SER B 5 20.42 1.87 -14.72
C SER B 5 18.93 2.07 -14.89
N TYR B 6 18.52 2.55 -16.06
CA TYR B 6 17.10 2.74 -16.31
C TYR B 6 16.41 1.45 -16.74
N GLU B 7 17.19 0.42 -17.05
CA GLU B 7 16.61 -0.88 -17.38
C GLU B 7 16.93 -1.94 -16.33
N LYS B 8 17.23 -1.48 -15.12
CA LYS B 8 17.25 -2.37 -13.96
C LYS B 8 16.44 -1.73 -12.86
N TYR B 9 15.90 -2.54 -11.96
CA TYR B 9 15.27 -2.01 -10.77
C TYR B 9 16.38 -1.62 -9.80
N ASN B 10 16.33 -0.38 -9.31
CA ASN B 10 17.41 0.16 -8.49
C ASN B 10 16.94 0.25 -7.04
N ASN B 11 17.82 -0.03 -6.10
CA ASN B 11 17.45 0.07 -4.69
C ASN B 11 17.40 1.55 -4.29
N TRP B 12 16.87 1.84 -3.11
CA TRP B 12 16.67 3.24 -2.72
C TRP B 12 17.96 4.05 -2.69
N GLU B 13 19.02 3.48 -2.14
CA GLU B 13 20.29 4.20 -2.10
C GLU B 13 20.67 4.67 -3.51
N THR B 14 20.49 3.79 -4.48
CA THR B 14 20.79 4.11 -5.87
C THR B 14 19.82 5.16 -6.45
N ILE B 15 18.53 5.00 -6.19
CA ILE B 15 17.56 5.97 -6.68
C ILE B 15 17.84 7.34 -6.09
N GLU B 16 18.11 7.38 -4.79
CA GLU B 16 18.44 8.63 -4.12
C GLU B 16 19.65 9.31 -4.76
N ALA B 17 20.72 8.55 -4.98
CA ALA B 17 21.92 9.10 -5.60
C ALA B 17 21.61 9.60 -6.99
N TRP B 18 20.71 8.91 -7.68
CA TRP B 18 20.28 9.32 -9.01
C TRP B 18 19.52 10.65 -8.95
N THR B 19 18.68 10.85 -7.95
CA THR B 19 17.94 12.12 -7.88
C THR B 19 18.91 13.28 -7.74
N LYS B 20 20.00 13.07 -7.00
CA LYS B 20 21.00 14.11 -6.85
C LYS B 20 21.77 14.32 -8.16
N GLN B 21 22.15 13.22 -8.80
CA GLN B 21 22.98 13.29 -9.99
C GLN B 21 22.23 13.90 -11.18
N VAL B 22 21.01 13.43 -11.42
CA VAL B 22 20.27 13.88 -12.59
C VAL B 22 19.94 15.38 -12.44
N THR B 23 19.74 15.82 -11.20
CA THR B 23 19.49 17.22 -10.92
C THR B 23 20.76 18.05 -11.13
N SER B 24 21.88 17.55 -10.61
CA SER B 24 23.14 18.26 -10.73
C SER B 24 23.56 18.40 -12.18
N GLU B 25 23.20 17.42 -12.99
CA GLU B 25 23.56 17.42 -14.41
C GLU B 25 22.59 18.28 -15.23
N ASN B 26 21.43 18.58 -14.68
CA ASN B 26 20.41 19.31 -15.41
C ASN B 26 19.72 20.37 -14.57
N PRO B 27 20.49 21.28 -13.95
CA PRO B 27 19.87 22.28 -13.06
C PRO B 27 18.99 23.28 -13.80
N ASP B 28 19.13 23.33 -15.12
CA ASP B 28 18.35 24.26 -15.92
C ASP B 28 16.97 23.69 -16.27
N LEU B 29 16.74 22.44 -15.89
CA LEU B 29 15.46 21.77 -16.16
C LEU B 29 14.91 21.03 -14.94
N ILE B 30 15.76 20.78 -13.95
CA ILE B 30 15.34 20.01 -12.78
C ILE B 30 15.73 20.70 -11.47
N SER B 31 14.77 20.85 -10.57
CA SER B 31 15.04 21.28 -9.21
C SER B 31 14.59 20.17 -8.25
N ARG B 32 15.44 19.82 -7.29
CA ARG B 32 15.10 18.77 -6.33
C ARG B 32 14.85 19.36 -4.95
N THR B 33 13.71 19.00 -4.36
CA THR B 33 13.44 19.33 -2.97
C THR B 33 13.04 18.05 -2.23
N ALA B 34 12.93 18.15 -0.92
CA ALA B 34 12.33 17.09 -0.13
C ALA B 34 11.06 17.65 0.49
N ILE B 35 9.97 16.90 0.42
CA ILE B 35 8.68 17.39 0.92
C ILE B 35 8.37 16.83 2.29
N GLY B 36 9.32 16.08 2.86
CA GLY B 36 9.11 15.52 4.17
C GLY B 36 10.00 14.31 4.40
N THR B 37 9.78 13.63 5.51
CA THR B 37 10.53 12.43 5.83
C THR B 37 9.61 11.25 6.06
N THR B 38 10.09 10.06 5.77
CA THR B 38 9.32 8.84 5.97
C THR B 38 9.32 8.45 7.44
N PHE B 39 8.57 7.43 7.79
CA PHE B 39 8.54 6.92 9.16
C PHE B 39 9.94 6.57 9.63
N LEU B 40 10.78 6.04 8.74
CA LEU B 40 12.13 5.63 9.10
C LEU B 40 13.17 6.71 8.81
N GLY B 41 12.70 7.90 8.43
CA GLY B 41 13.60 9.04 8.33
C GLY B 41 14.31 9.19 6.99
N ASN B 42 13.79 8.55 5.96
CA ASN B 42 14.31 8.75 4.63
C ASN B 42 13.70 10.00 4.00
N ASN B 43 14.42 10.60 3.05
CA ASN B 43 13.98 11.86 2.45
C ASN B 43 13.03 11.63 1.27
N ILE B 44 11.85 12.24 1.33
CA ILE B 44 10.87 12.09 0.26
C ILE B 44 11.13 13.14 -0.80
N TYR B 45 11.89 12.77 -1.82
CA TYR B 45 12.31 13.72 -2.84
C TYR B 45 11.21 14.00 -3.83
N LEU B 46 11.20 15.23 -4.33
CA LEU B 46 10.32 15.65 -5.40
C LEU B 46 11.18 16.36 -6.45
N LEU B 47 11.00 15.98 -7.71
CA LEU B 47 11.77 16.62 -8.78
C LEU B 47 10.83 17.51 -9.57
N LYS B 48 11.17 18.80 -9.64
CA LYS B 48 10.37 19.72 -10.44
C LYS B 48 11.03 19.85 -11.81
N VAL B 49 10.39 19.27 -12.81
CA VAL B 49 10.99 19.17 -14.13
C VAL B 49 10.33 20.17 -15.07
N GLY B 50 11.14 21.05 -15.66
CA GLY B 50 10.60 22.07 -16.53
C GLY B 50 11.51 23.28 -16.62
N LYS B 51 11.28 24.11 -17.62
CA LYS B 51 12.07 25.32 -17.80
C LYS B 51 11.51 26.37 -16.85
N PRO B 52 12.28 26.75 -15.82
CA PRO B 52 11.72 27.65 -14.79
C PRO B 52 11.19 28.97 -15.35
N GLY B 53 10.05 29.39 -14.83
CA GLY B 53 9.41 30.60 -15.28
C GLY B 53 8.29 31.01 -14.33
N PRO B 54 7.72 32.20 -14.51
CA PRO B 54 6.66 32.75 -13.64
C PRO B 54 5.29 32.10 -13.84
N ASN B 55 4.60 31.90 -12.73
CA ASN B 55 3.22 31.39 -12.70
C ASN B 55 2.92 30.30 -13.72
N LYS B 56 3.72 29.24 -13.71
CA LYS B 56 3.49 28.11 -14.61
C LYS B 56 2.50 27.12 -14.00
N PRO B 57 1.59 26.58 -14.84
CA PRO B 57 0.74 25.46 -14.41
C PRO B 57 1.62 24.24 -14.21
N ALA B 58 1.08 23.22 -13.54
CA ALA B 58 1.87 22.04 -13.23
C ALA B 58 1.04 20.76 -13.35
N ILE B 59 1.74 19.67 -13.66
CA ILE B 59 1.17 18.33 -13.55
C ILE B 59 1.95 17.60 -12.47
N PHE B 60 1.25 16.89 -11.61
CA PHE B 60 1.91 16.18 -10.53
C PHE B 60 1.85 14.69 -10.81
N MET B 61 2.99 14.01 -10.70
CA MET B 61 3.03 12.57 -10.91
C MET B 61 3.87 11.90 -9.85
N ASP B 62 3.34 10.85 -9.26
CA ASP B 62 4.11 10.07 -8.30
C ASP B 62 4.20 8.60 -8.69
N CYS B 63 5.24 7.95 -8.20
CA CYS B 63 5.41 6.51 -8.35
C CYS B 63 5.70 5.90 -6.97
N GLY B 64 5.61 4.58 -6.88
CA GLY B 64 6.09 3.90 -5.69
C GLY B 64 5.21 4.03 -4.46
N PHE B 65 3.91 4.23 -4.65
CA PHE B 65 2.99 4.17 -3.51
C PHE B 65 3.10 2.80 -2.85
N HIS B 66 3.12 1.75 -3.67
CA HIS B 66 3.12 0.39 -3.18
C HIS B 66 4.46 -0.29 -3.42
N ALA B 67 5.02 -0.85 -2.35
CA ALA B 67 6.41 -1.25 -2.32
C ALA B 67 6.78 -2.25 -3.41
N ARG B 68 5.90 -3.23 -3.65
CA ARG B 68 6.22 -4.34 -4.55
C ARG B 68 6.07 -4.03 -6.03
N GLU B 69 5.50 -2.86 -6.34
CA GLU B 69 5.20 -2.53 -7.73
C GLU B 69 6.39 -1.84 -8.39
N TRP B 70 7.46 -2.61 -8.58
CA TRP B 70 8.76 -2.04 -8.93
C TRP B 70 8.79 -1.33 -10.27
N ILE B 71 7.91 -1.71 -11.19
CA ILE B 71 7.90 -1.07 -12.49
C ILE B 71 7.41 0.37 -12.38
N SER B 72 6.65 0.67 -11.33
CA SER B 72 6.20 2.04 -11.08
C SER B 72 7.39 2.97 -10.84
N HIS B 73 8.22 2.61 -9.85
CA HIS B 73 9.41 3.38 -9.55
C HIS B 73 10.27 3.56 -10.80
N ALA B 74 10.42 2.48 -11.57
CA ALA B 74 11.24 2.52 -12.76
C ALA B 74 10.70 3.55 -13.76
N PHE B 75 9.38 3.69 -13.84
CA PHE B 75 8.82 4.60 -14.82
C PHE B 75 9.09 6.07 -14.51
N CYS B 76 8.98 6.47 -13.24
CA CYS B 76 9.25 7.87 -12.93
C CYS B 76 10.67 8.23 -13.35
N GLN B 77 11.60 7.31 -13.12
CA GLN B 77 12.99 7.55 -13.53
C GLN B 77 13.10 7.67 -15.04
N TRP B 78 12.47 6.75 -15.77
CA TRP B 78 12.48 6.78 -17.23
C TRP B 78 11.94 8.12 -17.74
N PHE B 79 10.83 8.57 -17.16
CA PHE B 79 10.19 9.80 -17.60
C PHE B 79 11.14 10.98 -17.48
N VAL B 80 11.84 11.07 -16.36
CA VAL B 80 12.70 12.22 -16.11
C VAL B 80 13.81 12.30 -17.14
N ARG B 81 14.42 11.17 -17.48
CA ARG B 81 15.46 11.16 -18.50
C ARG B 81 14.92 11.61 -19.85
N GLU B 82 13.79 11.05 -20.26
CA GLU B 82 13.20 11.42 -21.55
C GLU B 82 12.94 12.92 -21.61
N ALA B 83 12.46 13.48 -20.50
CA ALA B 83 12.12 14.89 -20.47
C ALA B 83 13.34 15.78 -20.69
N VAL B 84 14.42 15.52 -19.95
CA VAL B 84 15.58 16.40 -20.01
C VAL B 84 16.44 16.16 -21.24
N LEU B 85 16.42 14.95 -21.78
CA LEU B 85 17.20 14.65 -22.97
C LEU B 85 16.54 15.14 -24.25
N THR B 86 15.22 15.10 -24.31
CA THR B 86 14.53 15.49 -25.53
C THR B 86 14.09 16.95 -25.52
N TYR B 87 14.21 17.62 -24.39
CA TYR B 87 13.86 19.04 -24.35
C TYR B 87 14.73 19.83 -25.32
N GLY B 88 14.07 20.61 -26.17
CA GLY B 88 14.78 21.39 -27.17
C GLY B 88 14.80 20.73 -28.53
N TYR B 89 14.40 19.46 -28.58
CA TYR B 89 14.53 18.68 -29.80
C TYR B 89 13.22 18.04 -30.24
N GLU B 90 12.45 17.52 -29.29
CA GLU B 90 11.12 17.04 -29.58
C GLU B 90 10.13 18.16 -29.28
N SER B 91 9.40 18.59 -30.30
CA SER B 91 8.60 19.81 -30.22
C SER B 91 7.58 19.79 -29.08
N HIS B 92 6.94 18.64 -28.88
CA HIS B 92 5.90 18.56 -27.87
C HIS B 92 6.45 18.62 -26.45
N MET B 93 7.49 17.84 -26.17
CA MET B 93 8.11 17.87 -24.85
C MET B 93 8.73 19.24 -24.59
N THR B 94 9.23 19.88 -25.64
CA THR B 94 9.76 21.22 -25.50
C THR B 94 8.67 22.19 -25.07
N GLU B 95 7.52 22.12 -25.75
CA GLU B 95 6.37 22.93 -25.37
C GLU B 95 5.94 22.61 -23.94
N PHE B 96 5.89 21.32 -23.61
CA PHE B 96 5.48 20.89 -22.28
C PHE B 96 6.30 21.60 -21.21
N LEU B 97 7.63 21.48 -21.30
CA LEU B 97 8.50 21.99 -20.25
C LEU B 97 8.61 23.51 -20.25
N ASN B 98 8.32 24.13 -21.39
CA ASN B 98 8.28 25.59 -21.44
C ASN B 98 7.03 26.14 -20.77
N LYS B 99 5.91 25.45 -20.96
CA LYS B 99 4.62 25.97 -20.51
C LYS B 99 4.19 25.49 -19.14
N LEU B 100 4.59 24.28 -18.76
CA LEU B 100 4.22 23.78 -17.44
C LEU B 100 5.42 23.16 -16.73
N ASP B 101 5.24 22.85 -15.45
CA ASP B 101 6.22 22.07 -14.71
C ASP B 101 5.65 20.69 -14.45
N PHE B 102 6.51 19.68 -14.51
CA PHE B 102 6.16 18.35 -14.02
C PHE B 102 6.76 18.18 -12.64
N TYR B 103 5.92 18.01 -11.64
CA TYR B 103 6.39 17.53 -10.35
C TYR B 103 6.41 16.02 -10.40
N VAL B 104 7.59 15.44 -10.25
CA VAL B 104 7.73 13.99 -10.25
C VAL B 104 8.23 13.53 -8.91
N LEU B 105 7.43 12.71 -8.23
CA LEU B 105 7.82 12.15 -6.95
C LEU B 105 8.22 10.70 -7.19
N PRO B 106 9.53 10.41 -7.27
CA PRO B 106 10.00 9.12 -7.79
C PRO B 106 9.58 7.92 -6.94
N VAL B 107 9.63 8.06 -5.62
CA VAL B 107 9.19 7.00 -4.71
C VAL B 107 8.55 7.59 -3.46
N LEU B 108 7.26 7.34 -3.28
CA LEU B 108 6.57 7.84 -2.10
C LEU B 108 6.84 6.95 -0.90
N ASN B 109 6.55 5.66 -1.06
CA ASN B 109 6.68 4.71 0.04
C ASN B 109 8.08 4.11 0.06
N ILE B 110 9.06 4.92 0.48
CA ILE B 110 10.46 4.53 0.47
C ILE B 110 10.76 3.39 1.44
N ASP B 111 10.20 3.46 2.65
CA ASP B 111 10.49 2.46 3.67
C ASP B 111 10.02 1.08 3.24
N GLY B 112 8.82 1.03 2.67
CA GLY B 112 8.31 -0.24 2.17
C GLY B 112 9.14 -0.77 1.01
N TYR B 113 9.60 0.12 0.13
CA TYR B 113 10.40 -0.29 -1.01
C TYR B 113 11.70 -0.94 -0.54
N ILE B 114 12.35 -0.32 0.43
CA ILE B 114 13.58 -0.89 0.98
C ILE B 114 13.28 -2.29 1.53
N TYR B 115 12.14 -2.44 2.18
CA TYR B 115 11.74 -3.71 2.77
C TYR B 115 11.58 -4.81 1.71
N THR B 116 11.12 -4.45 0.52
CA THR B 116 10.98 -5.45 -0.55
C THR B 116 12.33 -5.86 -1.11
N TRP B 117 13.35 -5.04 -0.87
CA TRP B 117 14.72 -5.38 -1.28
C TRP B 117 15.43 -6.21 -0.23
N THR B 118 15.06 -6.04 1.03
CA THR B 118 15.82 -6.62 2.13
C THR B 118 15.17 -7.87 2.74
N LYS B 119 13.84 -7.93 2.73
CA LYS B 119 13.15 -8.94 3.52
C LYS B 119 12.01 -9.65 2.79
N ASN B 120 11.14 -8.88 2.13
CA ASN B 120 9.93 -9.45 1.56
C ASN B 120 9.56 -8.76 0.26
N ARG B 121 9.85 -9.42 -0.87
CA ARG B 121 9.63 -8.86 -2.19
C ARG B 121 8.16 -8.50 -2.42
N MET B 122 7.27 -9.15 -1.69
CA MET B 122 5.83 -8.96 -1.92
C MET B 122 5.15 -7.99 -0.95
N TRP B 123 5.94 -7.28 -0.16
CA TRP B 123 5.40 -6.26 0.74
C TRP B 123 4.70 -5.15 -0.03
N ARG B 124 3.63 -4.60 0.55
CA ARG B 124 2.80 -3.59 -0.09
C ARG B 124 2.81 -2.27 0.67
N LYS B 125 2.65 -2.35 1.99
CA LYS B 125 2.33 -1.19 2.81
C LYS B 125 3.56 -0.36 3.19
N THR B 126 3.35 0.64 4.03
CA THR B 126 4.46 1.38 4.64
C THR B 126 5.09 0.50 5.72
N ARG B 127 6.00 1.06 6.50
CA ARG B 127 6.63 0.29 7.57
C ARG B 127 6.47 0.93 8.94
N SER B 128 5.44 1.73 9.12
CA SER B 128 5.20 2.37 10.40
C SER B 128 4.60 1.37 11.39
N THR B 129 4.83 1.60 12.67
CA THR B 129 4.27 0.73 13.71
C THR B 129 2.80 1.05 13.93
N ASN B 130 2.09 0.09 14.49
CA ASN B 130 0.68 0.25 14.81
C ASN B 130 0.45 -0.06 16.28
N ALA B 131 -0.32 0.78 16.96
CA ALA B 131 -0.57 0.60 18.39
C ALA B 131 -1.31 -0.71 18.66
N GLY B 132 -0.85 -1.46 19.66
CA GLY B 132 -1.61 -2.61 20.13
C GLY B 132 -1.42 -3.88 19.32
N THR B 133 -0.47 -3.86 18.40
CA THR B 133 -0.21 -5.02 17.54
C THR B 133 1.25 -5.06 17.12
N THR B 134 1.71 -6.23 16.71
CA THR B 134 3.04 -6.34 16.11
C THR B 134 2.96 -6.15 14.59
N CYS B 135 1.76 -6.07 14.05
CA CYS B 135 1.60 -5.87 12.62
C CYS B 135 2.06 -4.50 12.17
N ILE B 136 2.79 -4.47 11.06
CA ILE B 136 3.43 -3.26 10.58
C ILE B 136 2.72 -2.73 9.33
N GLY B 137 2.61 -1.41 9.24
CA GLY B 137 2.30 -0.80 7.96
C GLY B 137 0.87 -0.38 7.74
N THR B 138 0.72 0.67 6.95
CA THR B 138 -0.58 1.14 6.48
C THR B 138 -0.54 1.14 4.95
N ASP B 139 -1.69 0.92 4.32
CA ASP B 139 -1.77 1.03 2.87
C ASP B 139 -1.87 2.51 2.53
N PRO B 140 -0.83 3.07 1.91
CA PRO B 140 -0.83 4.51 1.65
C PRO B 140 -2.00 4.94 0.75
N ASN B 141 -2.44 4.05 -0.13
CA ASN B 141 -3.56 4.37 -1.00
C ASN B 141 -4.90 4.00 -0.40
N ARG B 142 -4.91 3.80 0.92
CA ARG B 142 -6.17 3.78 1.66
C ARG B 142 -6.14 4.87 2.73
N ASN B 143 -5.13 5.74 2.66
CA ASN B 143 -4.85 6.66 3.76
C ASN B 143 -5.17 8.11 3.44
N PHE B 144 -5.75 8.37 2.27
CA PHE B 144 -6.12 9.74 1.91
C PHE B 144 -7.58 10.05 2.24
N ASP B 145 -7.89 11.34 2.31
CA ASP B 145 -9.18 11.83 2.77
C ASP B 145 -10.21 11.77 1.64
N ALA B 146 -10.45 10.56 1.15
CA ALA B 146 -11.42 10.35 0.07
C ALA B 146 -12.39 9.23 0.48
N GLY B 147 -13.56 9.63 0.96
CA GLY B 147 -14.46 8.68 1.60
C GLY B 147 -13.74 7.77 2.55
N TRP B 148 -12.83 8.33 3.33
CA TRP B 148 -11.82 7.56 4.04
C TRP B 148 -12.34 6.34 4.81
N CYS B 149 -11.76 5.19 4.50
CA CYS B 149 -12.00 3.92 5.19
C CYS B 149 -13.46 3.47 5.25
N THR B 150 -14.26 3.88 4.27
CA THR B 150 -15.67 3.49 4.27
C THR B 150 -15.95 2.23 3.43
N THR B 151 -15.08 1.92 2.49
CA THR B 151 -15.27 0.75 1.62
C THR B 151 -13.94 0.28 1.04
N GLY B 152 -13.84 -1.01 0.75
CA GLY B 152 -12.65 -1.54 0.11
C GLY B 152 -11.39 -1.28 0.91
N ALA B 153 -11.54 -1.16 2.21
CA ALA B 153 -10.42 -0.86 3.10
C ALA B 153 -10.65 -1.54 4.45
N SER B 154 -9.56 -1.87 5.15
CA SER B 154 -9.66 -2.61 6.40
C SER B 154 -9.26 -1.75 7.59
N THR B 155 -9.93 -1.97 8.72
CA THR B 155 -9.57 -1.28 9.96
C THR B 155 -8.59 -2.13 10.77
N ASP B 156 -8.24 -3.29 10.22
CA ASP B 156 -7.30 -4.20 10.87
C ASP B 156 -5.88 -3.89 10.44
N PRO B 157 -5.02 -3.47 11.38
CA PRO B 157 -3.63 -3.08 11.07
C PRO B 157 -2.86 -4.18 10.35
N CYS B 158 -3.30 -5.42 10.48
CA CYS B 158 -2.59 -6.55 9.91
C CYS B 158 -2.93 -6.78 8.44
N ASP B 159 -3.99 -6.14 7.96
CA ASP B 159 -4.46 -6.38 6.60
C ASP B 159 -3.71 -5.53 5.57
N GLU B 160 -3.68 -6.03 4.34
CA GLU B 160 -2.97 -5.37 3.24
C GLU B 160 -3.56 -4.01 2.89
N THR B 161 -4.84 -3.82 3.17
CA THR B 161 -5.50 -2.57 2.83
C THR B 161 -5.86 -1.76 4.07
N TYR B 162 -5.08 -1.93 5.13
CA TYR B 162 -5.30 -1.17 6.36
C TYR B 162 -5.30 0.31 6.07
N CYS B 163 -6.32 1.00 6.54
CA CYS B 163 -6.52 2.39 6.14
C CYS B 163 -5.86 3.38 7.09
N GLY B 164 -5.23 2.87 8.15
CA GLY B 164 -4.62 3.74 9.13
C GLY B 164 -5.59 4.18 10.21
N SER B 165 -5.09 4.94 11.19
CA SER B 165 -5.93 5.39 12.30
C SER B 165 -6.83 6.55 11.91
N ALA B 166 -6.45 7.26 10.85
CA ALA B 166 -7.20 8.41 10.36
C ALA B 166 -6.59 8.77 9.01
N ALA B 167 -7.32 9.55 8.20
CA ALA B 167 -6.75 9.98 6.93
C ALA B 167 -5.46 10.75 7.23
N GLU B 168 -4.43 10.48 6.43
CA GLU B 168 -3.15 11.17 6.53
C GLU B 168 -2.42 10.89 7.83
N SER B 169 -2.72 9.75 8.44
CA SER B 169 -2.03 9.34 9.66
C SER B 169 -0.57 8.98 9.36
N GLU B 170 -0.27 8.68 8.11
CA GLU B 170 1.10 8.34 7.72
C GLU B 170 1.88 9.59 7.34
N LYS B 171 3.15 9.64 7.74
CA LYS B 171 3.97 10.81 7.42
C LYS B 171 4.04 11.04 5.90
N GLU B 172 4.13 9.95 5.14
CA GLU B 172 4.35 10.05 3.70
C GLU B 172 3.11 10.63 3.00
N THR B 173 1.94 10.18 3.39
CA THR B 173 0.72 10.66 2.75
C THR B 173 0.39 12.09 3.20
N LYS B 174 0.64 12.39 4.48
CA LYS B 174 0.51 13.77 4.95
C LYS B 174 1.42 14.69 4.14
N ALA B 175 2.66 14.24 3.90
CA ALA B 175 3.62 15.07 3.18
C ALA B 175 3.15 15.34 1.75
N LEU B 176 2.61 14.32 1.08
CA LEU B 176 2.14 14.49 -0.29
C LEU B 176 0.90 15.38 -0.30
N ALA B 177 -0.03 15.12 0.62
CA ALA B 177 -1.25 15.91 0.71
C ALA B 177 -0.94 17.37 1.02
N ASP B 178 0.01 17.59 1.92
CA ASP B 178 0.43 18.94 2.27
C ASP B 178 0.98 19.67 1.04
N PHE B 179 1.80 18.99 0.24
CA PHE B 179 2.39 19.66 -0.90
C PHE B 179 1.33 20.03 -1.92
N ILE B 180 0.41 19.10 -2.18
CA ILE B 180 -0.64 19.36 -3.14
C ILE B 180 -1.56 20.49 -2.67
N ARG B 181 -1.89 20.49 -1.38
CA ARG B 181 -2.74 21.56 -0.85
C ARG B 181 -2.08 22.92 -1.01
N ASN B 182 -0.75 22.94 -0.86
CA ASN B 182 -0.01 24.20 -0.89
C ASN B 182 0.21 24.72 -2.31
N ASN B 183 0.00 23.87 -3.29
CA ASN B 183 0.24 24.23 -4.69
C ASN B 183 -0.99 23.99 -5.55
N LEU B 184 -2.16 24.03 -4.93
CA LEU B 184 -3.39 23.62 -5.57
C LEU B 184 -3.73 24.48 -6.78
N SER B 185 -3.43 25.77 -6.72
CA SER B 185 -3.81 26.68 -7.80
C SER B 185 -3.07 26.39 -9.09
N SER B 186 -1.89 25.78 -8.98
CA SER B 186 -1.07 25.53 -10.16
C SER B 186 -1.22 24.11 -10.71
N ILE B 187 -1.55 23.15 -9.85
CA ILE B 187 -1.64 21.75 -10.27
C ILE B 187 -2.94 21.46 -11.03
N LYS B 188 -2.80 21.09 -12.30
CA LYS B 188 -3.95 20.89 -13.17
C LYS B 188 -4.24 19.42 -13.45
N ALA B 189 -3.26 18.56 -13.23
CA ALA B 189 -3.48 17.13 -13.39
C ALA B 189 -2.71 16.35 -12.34
N TYR B 190 -3.26 15.22 -11.94
CA TYR B 190 -2.62 14.34 -10.97
C TYR B 190 -2.53 12.93 -11.56
N LEU B 191 -1.32 12.38 -11.59
CA LEU B 191 -1.08 11.09 -12.22
C LEU B 191 -0.33 10.21 -11.22
N THR B 192 -0.89 9.04 -10.92
CA THR B 192 -0.28 8.18 -9.92
C THR B 192 -0.04 6.79 -10.49
N ILE B 193 1.22 6.34 -10.43
CA ILE B 193 1.65 5.18 -11.19
C ILE B 193 1.72 3.93 -10.32
N HIS B 194 1.06 2.87 -10.78
CA HIS B 194 0.97 1.60 -10.07
C HIS B 194 1.21 0.44 -11.03
N SER B 195 1.26 -0.77 -10.51
CA SER B 195 1.11 -1.98 -11.33
C SER B 195 0.39 -3.02 -10.47
N TYR B 196 -0.18 -4.06 -11.08
CA TYR B 196 -0.24 -4.25 -12.53
C TYR B 196 -1.72 -4.34 -12.91
N SER B 197 -1.99 -4.43 -14.21
CA SER B 197 -3.33 -4.73 -14.76
C SER B 197 -3.54 -4.13 -16.15
N GLN B 198 -2.66 -3.22 -16.55
CA GLN B 198 -2.80 -2.53 -17.83
C GLN B 198 -4.14 -1.81 -17.93
N MET B 199 -4.29 -0.78 -17.10
CA MET B 199 -5.51 0.03 -17.06
C MET B 199 -5.18 1.49 -16.84
N ILE B 200 -6.05 2.36 -17.33
CA ILE B 200 -6.08 3.74 -16.86
C ILE B 200 -7.38 3.97 -16.11
N LEU B 201 -7.28 4.28 -14.82
CA LEU B 201 -8.45 4.51 -14.00
C LEU B 201 -8.60 5.99 -13.65
N TYR B 202 -9.84 6.43 -13.49
CA TYR B 202 -10.13 7.75 -12.94
C TYR B 202 -11.24 7.63 -11.90
N PRO B 203 -11.54 8.72 -11.17
CA PRO B 203 -12.52 8.63 -10.07
C PRO B 203 -13.90 8.20 -10.56
N TYR B 204 -14.70 7.59 -9.67
CA TYR B 204 -14.34 7.37 -8.27
C TYR B 204 -14.14 5.90 -7.94
N SER B 205 -13.31 5.64 -6.93
CA SER B 205 -13.23 4.32 -6.33
C SER B 205 -13.93 4.23 -4.98
N TYR B 206 -14.04 5.34 -4.25
CA TYR B 206 -14.61 5.28 -2.91
C TYR B 206 -16.13 5.30 -2.92
N ASP B 207 -16.69 5.56 -4.09
CA ASP B 207 -18.14 5.51 -4.29
C ASP B 207 -18.38 5.14 -5.75
N TYR B 208 -19.58 4.67 -6.08
CA TYR B 208 -19.91 4.33 -7.46
C TYR B 208 -20.45 5.54 -8.23
N LYS B 209 -20.58 6.66 -7.54
CA LYS B 209 -20.95 7.92 -8.19
C LYS B 209 -19.93 8.27 -9.27
N LEU B 210 -20.38 8.97 -10.30
CA LEU B 210 -19.49 9.40 -11.37
C LEU B 210 -19.00 10.82 -11.16
N PRO B 211 -17.77 11.11 -11.59
CA PRO B 211 -17.28 12.49 -11.58
C PRO B 211 -18.06 13.33 -12.57
N GLU B 212 -18.19 14.62 -12.30
CA GLU B 212 -18.98 15.49 -13.18
C GLU B 212 -18.43 15.53 -14.60
N ASN B 213 -17.11 15.39 -14.76
CA ASN B 213 -16.54 15.32 -16.10
C ASN B 213 -16.22 13.90 -16.55
N ASN B 214 -17.09 12.96 -16.15
CA ASN B 214 -16.93 11.55 -16.50
C ASN B 214 -16.73 11.32 -17.99
N ALA B 215 -17.55 11.97 -18.82
CA ALA B 215 -17.48 11.76 -20.25
C ALA B 215 -16.14 12.21 -20.81
N GLU B 216 -15.67 13.36 -20.34
CA GLU B 216 -14.39 13.90 -20.78
C GLU B 216 -13.24 12.97 -20.36
N LEU B 217 -13.30 12.49 -19.13
CA LEU B 217 -12.23 11.62 -18.62
C LEU B 217 -12.23 10.29 -19.36
N ASN B 218 -13.42 9.78 -19.66
CA ASN B 218 -13.53 8.50 -20.34
C ASN B 218 -12.97 8.61 -21.77
N ASN B 219 -13.27 9.72 -22.43
CA ASN B 219 -12.78 9.95 -23.79
C ASN B 219 -11.28 10.12 -23.81
N LEU B 220 -10.75 10.80 -22.79
CA LEU B 220 -9.31 11.05 -22.72
C LEU B 220 -8.57 9.74 -22.45
N ALA B 221 -9.12 8.93 -21.54
CA ALA B 221 -8.51 7.65 -21.23
C ALA B 221 -8.54 6.75 -22.47
N LYS B 222 -9.65 6.80 -23.20
CA LYS B 222 -9.81 5.99 -24.40
C LYS B 222 -8.76 6.35 -25.45
N ALA B 223 -8.52 7.64 -25.62
CA ALA B 223 -7.55 8.10 -26.60
C ALA B 223 -6.13 7.78 -26.14
N ALA B 224 -5.90 7.85 -24.83
CA ALA B 224 -4.58 7.59 -24.28
C ALA B 224 -4.18 6.12 -24.44
N VAL B 225 -5.12 5.21 -24.20
CA VAL B 225 -4.85 3.79 -24.34
C VAL B 225 -4.65 3.42 -25.81
N LYS B 226 -5.38 4.08 -26.70
CA LYS B 226 -5.19 3.88 -28.13
C LYS B 226 -3.77 4.29 -28.51
N GLU B 227 -3.32 5.43 -28.00
CA GLU B 227 -1.99 5.93 -28.29
C GLU B 227 -0.92 4.99 -27.73
N LEU B 228 -1.15 4.48 -26.53
CA LEU B 228 -0.18 3.58 -25.89
C LEU B 228 0.00 2.32 -26.74
N ALA B 229 -1.08 1.86 -27.36
CA ALA B 229 -1.06 0.60 -28.08
C ALA B 229 -0.28 0.68 -29.39
N THR B 230 0.00 1.89 -29.86
CA THR B 230 0.61 2.06 -31.16
C THR B 230 2.05 1.54 -31.21
N LEU B 231 2.69 1.45 -30.06
CA LEU B 231 4.11 1.15 -30.02
C LEU B 231 4.37 -0.36 -30.10
N TYR B 232 3.67 -1.13 -29.26
CA TYR B 232 3.92 -2.56 -29.15
C TYR B 232 2.61 -3.37 -29.11
N GLY B 233 1.49 -2.69 -29.30
CA GLY B 233 0.21 -3.38 -29.35
C GLY B 233 -0.35 -3.73 -27.99
N THR B 234 0.27 -3.24 -26.92
CA THR B 234 -0.19 -3.52 -25.58
C THR B 234 -1.59 -2.99 -25.34
N LYS B 235 -2.48 -3.84 -24.82
CA LYS B 235 -3.88 -3.48 -24.65
C LYS B 235 -4.21 -3.08 -23.22
N TYR B 236 -4.69 -1.86 -23.05
CA TYR B 236 -5.17 -1.34 -21.76
C TYR B 236 -6.69 -1.24 -21.78
N THR B 237 -7.31 -1.39 -20.61
CA THR B 237 -8.70 -0.99 -20.43
C THR B 237 -8.74 0.24 -19.52
N TYR B 238 -9.92 0.83 -19.37
CA TYR B 238 -10.04 2.10 -18.67
C TYR B 238 -11.46 2.34 -18.14
N GLY B 239 -11.58 3.25 -17.18
CA GLY B 239 -12.88 3.65 -16.68
C GLY B 239 -12.80 4.08 -15.23
N PRO B 240 -13.93 4.39 -14.59
CA PRO B 240 -13.98 4.75 -13.16
C PRO B 240 -13.48 3.60 -12.31
N GLY B 241 -12.74 3.91 -11.26
CA GLY B 241 -12.10 2.87 -10.48
C GLY B 241 -13.03 1.81 -9.92
N ALA B 242 -14.14 2.24 -9.32
CA ALA B 242 -15.00 1.32 -8.58
C ALA B 242 -15.55 0.21 -9.46
N THR B 243 -16.00 0.57 -10.66
CA THR B 243 -16.60 -0.40 -11.56
C THR B 243 -15.58 -1.12 -12.43
N THR B 244 -14.43 -0.49 -12.63
CA THR B 244 -13.45 -1.04 -13.57
C THR B 244 -12.49 -2.02 -12.90
N ILE B 245 -12.25 -1.84 -11.61
CA ILE B 245 -11.42 -2.80 -10.88
C ILE B 245 -12.04 -3.27 -9.56
N TYR B 246 -12.26 -2.33 -8.64
CA TYR B 246 -13.00 -2.61 -7.41
C TYR B 246 -13.23 -1.35 -6.60
N PRO B 247 -14.27 -1.34 -5.77
CA PRO B 247 -14.44 -0.22 -4.84
C PRO B 247 -13.32 -0.21 -3.81
N ALA B 248 -12.79 0.98 -3.53
CA ALA B 248 -11.75 1.15 -2.53
C ALA B 248 -11.67 2.63 -2.15
N ALA B 249 -11.82 2.91 -0.86
CA ALA B 249 -11.82 4.28 -0.36
C ALA B 249 -10.40 4.71 0.02
N GLY B 250 -10.19 6.01 0.12
CA GLY B 250 -8.95 6.52 0.66
C GLY B 250 -7.80 6.64 -0.32
N GLY B 251 -8.09 6.62 -1.62
CA GLY B 251 -7.05 6.69 -2.62
C GLY B 251 -6.70 8.11 -3.01
N SER B 252 -5.46 8.32 -3.44
CA SER B 252 -4.96 9.65 -3.73
C SER B 252 -5.56 10.24 -5.00
N ASP B 253 -5.90 9.38 -5.96
CA ASP B 253 -6.52 9.89 -7.19
C ASP B 253 -7.87 10.53 -6.89
N ASP B 254 -8.68 9.87 -6.08
CA ASP B 254 -9.99 10.41 -5.71
C ASP B 254 -9.82 11.67 -4.87
N TRP B 255 -8.85 11.66 -3.95
CA TRP B 255 -8.63 12.82 -3.09
C TRP B 255 -8.22 14.03 -3.93
N ALA B 256 -7.28 13.82 -4.84
CA ALA B 256 -6.77 14.91 -5.67
C ALA B 256 -7.92 15.48 -6.49
N TYR B 257 -8.77 14.60 -7.01
CA TYR B 257 -9.90 15.04 -7.82
C TYR B 257 -10.87 15.87 -6.97
N ASP B 258 -11.09 15.44 -5.73
CA ASP B 258 -11.99 16.15 -4.84
C ASP B 258 -11.44 17.51 -4.41
N GLN B 259 -10.14 17.70 -4.57
CA GLN B 259 -9.51 18.99 -4.26
C GLN B 259 -9.67 19.97 -5.43
N GLY B 260 -10.17 19.48 -6.56
CA GLY B 260 -10.39 20.36 -7.70
C GLY B 260 -9.46 20.09 -8.87
N ILE B 261 -8.62 19.07 -8.76
CA ILE B 261 -7.76 18.68 -9.86
C ILE B 261 -8.57 17.79 -10.80
N LYS B 262 -8.96 18.35 -11.94
CA LYS B 262 -10.01 17.76 -12.76
C LYS B 262 -9.54 16.57 -13.58
N TYR B 263 -8.23 16.48 -13.80
CA TYR B 263 -7.66 15.35 -14.52
C TYR B 263 -6.82 14.52 -13.57
N SER B 264 -7.40 13.42 -13.09
CA SER B 264 -6.75 12.61 -12.08
C SER B 264 -6.85 11.15 -12.52
N PHE B 265 -5.70 10.51 -12.67
CA PHE B 265 -5.63 9.15 -13.21
C PHE B 265 -4.72 8.25 -12.39
N THR B 266 -5.17 7.01 -12.16
CA THR B 266 -4.29 5.95 -11.71
C THR B 266 -3.90 5.09 -12.91
N PHE B 267 -2.60 4.95 -13.14
CA PHE B 267 -2.10 4.07 -14.18
C PHE B 267 -1.71 2.73 -13.57
N GLU B 268 -2.18 1.65 -14.18
CA GLU B 268 -1.71 0.31 -13.83
C GLU B 268 -0.92 -0.24 -15.01
N LEU B 269 0.39 -0.39 -14.84
CA LEU B 269 1.25 -0.79 -15.95
C LEU B 269 1.23 -2.31 -16.17
N ARG B 270 2.16 -2.82 -16.97
CA ARG B 270 2.24 -4.26 -17.27
C ARG B 270 2.49 -5.08 -16.00
N ASP B 271 2.11 -6.36 -16.02
CA ASP B 271 1.37 -6.96 -17.12
C ASP B 271 -0.07 -7.23 -16.69
N LYS B 272 -0.64 -8.36 -17.10
CA LYS B 272 -1.99 -8.70 -16.68
C LYS B 272 -2.02 -9.91 -15.78
N GLY B 273 -0.85 -10.27 -15.23
CA GLY B 273 -0.81 -11.30 -14.22
C GLY B 273 0.20 -12.41 -14.46
N ARG B 274 0.71 -12.51 -15.68
CA ARG B 274 1.65 -13.58 -15.99
C ARG B 274 2.87 -13.52 -15.08
N TYR B 275 3.44 -12.33 -14.94
CA TYR B 275 4.52 -12.10 -13.99
C TYR B 275 4.03 -11.25 -12.82
N GLY B 276 2.95 -10.51 -13.04
CA GLY B 276 2.39 -9.71 -11.97
C GLY B 276 3.34 -8.62 -11.51
N PHE B 277 3.62 -8.59 -10.19
CA PHE B 277 4.48 -7.57 -9.62
C PHE B 277 5.94 -7.81 -9.97
N ILE B 278 6.25 -9.07 -10.29
CA ILE B 278 7.64 -9.45 -10.55
C ILE B 278 7.89 -9.35 -12.05
N LEU B 279 7.65 -8.17 -12.62
CA LEU B 279 7.83 -7.96 -14.05
C LEU B 279 9.32 -8.03 -14.38
N PRO B 280 9.69 -8.85 -15.37
CA PRO B 280 11.10 -9.01 -15.74
C PRO B 280 11.73 -7.67 -16.11
N GLU B 281 13.00 -7.49 -15.74
CA GLU B 281 13.71 -6.27 -16.09
C GLU B 281 13.76 -6.08 -17.60
N SER B 282 13.68 -7.19 -18.34
CA SER B 282 13.76 -7.14 -19.79
C SER B 282 12.56 -6.40 -20.40
N GLN B 283 11.51 -6.19 -19.60
CA GLN B 283 10.34 -5.47 -20.07
C GLN B 283 10.26 -4.01 -19.63
N ILE B 284 11.22 -3.57 -18.83
CA ILE B 284 11.19 -2.19 -18.35
C ILE B 284 11.14 -1.18 -19.50
N GLN B 285 12.07 -1.31 -20.45
CA GLN B 285 12.18 -0.35 -21.53
C GLN B 285 10.88 -0.23 -22.34
N ALA B 286 10.34 -1.35 -22.77
CA ALA B 286 9.14 -1.35 -23.61
C ALA B 286 7.94 -0.82 -22.82
N THR B 287 7.84 -1.24 -21.57
CA THR B 287 6.75 -0.78 -20.70
C THR B 287 6.81 0.73 -20.55
N CYS B 288 8.00 1.24 -20.23
CA CYS B 288 8.15 2.67 -20.00
C CYS B 288 7.89 3.48 -21.26
N GLU B 289 8.38 3.01 -22.40
CA GLU B 289 8.21 3.76 -23.64
C GLU B 289 6.75 3.91 -24.04
N GLU B 290 5.98 2.84 -23.95
CA GLU B 290 4.57 2.91 -24.34
C GLU B 290 3.80 3.75 -23.33
N THR B 291 4.17 3.64 -22.06
CA THR B 291 3.53 4.44 -21.01
C THR B 291 3.82 5.93 -21.27
N MET B 292 5.04 6.24 -21.70
CA MET B 292 5.40 7.62 -22.04
C MET B 292 4.41 8.23 -23.04
N LEU B 293 3.95 7.42 -23.99
CA LEU B 293 3.06 7.94 -25.03
C LEU B 293 1.71 8.33 -24.44
N ALA B 294 1.21 7.56 -23.48
CA ALA B 294 -0.07 7.87 -22.84
C ALA B 294 0.08 9.09 -21.93
N ILE B 295 1.18 9.15 -21.18
CA ILE B 295 1.41 10.29 -20.30
C ILE B 295 1.56 11.58 -21.09
N LYS B 296 2.27 11.53 -22.21
CA LYS B 296 2.45 12.73 -23.02
C LYS B 296 1.14 13.12 -23.70
N TYR B 297 0.31 12.14 -24.03
CA TYR B 297 -0.98 12.44 -24.65
C TYR B 297 -1.87 13.19 -23.66
N VAL B 298 -1.92 12.70 -22.42
CA VAL B 298 -2.68 13.37 -21.37
C VAL B 298 -2.15 14.77 -21.12
N THR B 299 -0.83 14.91 -21.09
CA THR B 299 -0.21 16.20 -20.83
C THR B 299 -0.57 17.22 -21.92
N ASN B 300 -0.50 16.78 -23.17
CA ASN B 300 -0.82 17.68 -24.27
C ASN B 300 -2.27 18.11 -24.20
N TYR B 301 -3.14 17.18 -23.81
CA TYR B 301 -4.55 17.50 -23.65
C TYR B 301 -4.74 18.54 -22.55
N VAL B 302 -4.07 18.33 -21.43
CA VAL B 302 -4.22 19.23 -20.29
C VAL B 302 -3.74 20.63 -20.65
N LEU B 303 -2.69 20.71 -21.45
CA LEU B 303 -2.14 21.98 -21.86
C LEU B 303 -3.17 22.76 -22.69
N GLY B 304 -3.98 22.03 -23.44
CA GLY B 304 -4.96 22.67 -24.30
C GLY B 304 -6.26 22.98 -23.58
N HIS B 305 -6.34 22.61 -22.30
CA HIS B 305 -7.56 22.81 -21.53
C HIS B 305 -7.25 23.41 -20.15
N LEU B 306 -6.51 24.51 -20.15
CA LEU B 306 -6.16 25.18 -18.90
C LEU B 306 -7.20 26.24 -18.56
N THR C 2 -37.07 -29.63 11.54
CA THR C 2 -36.31 -30.55 10.71
C THR C 2 -35.10 -29.82 10.12
N GLY C 3 -33.96 -30.51 10.08
CA GLY C 3 -32.73 -29.89 9.63
C GLY C 3 -32.78 -29.49 8.17
N HIS C 4 -32.15 -28.36 7.86
CA HIS C 4 -32.13 -27.84 6.50
C HIS C 4 -31.12 -28.58 5.62
N SER C 5 -31.50 -28.77 4.36
CA SER C 5 -30.58 -29.32 3.37
C SER C 5 -30.80 -28.64 2.02
N TYR C 6 -29.70 -28.31 1.35
CA TYR C 6 -29.78 -27.68 0.03
C TYR C 6 -30.11 -28.67 -1.07
N GLU C 7 -29.99 -29.97 -0.77
CA GLU C 7 -30.30 -31.00 -1.75
C GLU C 7 -31.51 -31.83 -1.35
N LYS C 8 -32.34 -31.27 -0.48
CA LYS C 8 -33.66 -31.84 -0.21
C LYS C 8 -34.69 -30.70 -0.19
N TYR C 9 -35.96 -31.05 -0.34
CA TYR C 9 -37.01 -30.05 -0.20
C TYR C 9 -37.30 -29.81 1.29
N ASN C 10 -37.32 -28.54 1.68
CA ASN C 10 -37.49 -28.17 3.08
C ASN C 10 -38.88 -27.58 3.35
N ASN C 11 -39.50 -27.97 4.47
CA ASN C 11 -40.81 -27.42 4.81
C ASN C 11 -40.66 -25.97 5.23
N TRP C 12 -41.77 -25.26 5.36
CA TRP C 12 -41.67 -23.82 5.62
C TRP C 12 -40.97 -23.52 6.94
N GLU C 13 -41.27 -24.28 7.99
CA GLU C 13 -40.62 -24.03 9.28
C GLU C 13 -39.11 -24.09 9.11
N THR C 14 -38.63 -25.06 8.33
CA THR C 14 -37.20 -25.20 8.09
C THR C 14 -36.64 -24.05 7.25
N ILE C 15 -37.38 -23.65 6.22
CA ILE C 15 -36.93 -22.54 5.39
C ILE C 15 -36.92 -21.24 6.20
N GLU C 16 -37.97 -21.03 6.99
CA GLU C 16 -38.03 -19.84 7.84
C GLU C 16 -36.83 -19.80 8.78
N ALA C 17 -36.56 -20.93 9.44
CA ALA C 17 -35.41 -21.00 10.34
C ALA C 17 -34.12 -20.76 9.57
N TRP C 18 -34.07 -21.25 8.33
CA TRP C 18 -32.88 -21.04 7.51
C TRP C 18 -32.68 -19.56 7.18
N THR C 19 -33.76 -18.83 6.91
CA THR C 19 -33.60 -17.41 6.58
C THR C 19 -32.99 -16.68 7.76
N LYS C 20 -33.36 -17.08 8.97
CA LYS C 20 -32.81 -16.45 10.16
C LYS C 20 -31.34 -16.84 10.31
N GLN C 21 -31.06 -18.12 10.10
CA GLN C 21 -29.73 -18.68 10.33
C GLN C 21 -28.71 -18.16 9.34
N VAL C 22 -29.05 -18.21 8.05
CA VAL C 22 -28.10 -17.81 7.02
C VAL C 22 -27.81 -16.33 7.14
N THR C 23 -28.77 -15.57 7.63
CA THR C 23 -28.58 -14.13 7.85
C THR C 23 -27.62 -13.89 9.02
N SER C 24 -27.85 -14.59 10.12
CA SER C 24 -26.99 -14.43 11.29
C SER C 24 -25.57 -14.87 10.99
N GLU C 25 -25.42 -15.84 10.09
CA GLU C 25 -24.10 -16.37 9.75
C GLU C 25 -23.33 -15.45 8.80
N ASN C 26 -24.06 -14.61 8.08
CA ASN C 26 -23.43 -13.77 7.06
C ASN C 26 -23.84 -12.30 7.21
N PRO C 27 -23.50 -11.69 8.35
CA PRO C 27 -23.92 -10.33 8.70
C PRO C 27 -23.50 -9.28 7.68
N ASP C 28 -22.38 -9.52 7.00
CA ASP C 28 -21.82 -8.53 6.10
C ASP C 28 -22.23 -8.78 4.65
N LEU C 29 -23.17 -9.69 4.44
CA LEU C 29 -23.64 -9.98 3.09
C LEU C 29 -25.16 -10.10 3.01
N ILE C 30 -25.80 -10.44 4.12
CA ILE C 30 -27.24 -10.69 4.10
C ILE C 30 -27.98 -9.97 5.24
N SER C 31 -29.09 -9.34 4.88
CA SER C 31 -30.05 -8.87 5.87
C SER C 31 -31.44 -9.40 5.54
N ARG C 32 -32.28 -9.55 6.56
CA ARG C 32 -33.61 -10.11 6.38
C ARG C 32 -34.68 -9.14 6.85
N THR C 33 -35.71 -8.96 6.02
CA THR C 33 -36.89 -8.23 6.42
C THR C 33 -38.13 -9.05 6.08
N ALA C 34 -39.29 -8.56 6.47
CA ALA C 34 -40.56 -9.12 6.01
C ALA C 34 -41.32 -8.02 5.27
N ILE C 35 -41.90 -8.36 4.13
CA ILE C 35 -42.55 -7.35 3.29
C ILE C 35 -44.06 -7.32 3.55
N GLY C 36 -44.52 -8.21 4.42
CA GLY C 36 -45.93 -8.29 4.71
C GLY C 36 -46.26 -9.63 5.35
N THR C 37 -47.54 -9.95 5.45
CA THR C 37 -47.95 -11.25 5.97
C THR C 37 -48.93 -11.92 5.01
N THR C 38 -49.06 -13.24 5.14
CA THR C 38 -49.96 -14.00 4.28
C THR C 38 -51.38 -13.97 4.84
N PHE C 39 -52.31 -14.57 4.09
CA PHE C 39 -53.69 -14.70 4.57
C PHE C 39 -53.74 -15.32 5.95
N LEU C 40 -52.92 -16.36 6.16
CA LEU C 40 -52.92 -17.08 7.42
C LEU C 40 -52.01 -16.43 8.47
N GLY C 41 -51.38 -15.31 8.11
CA GLY C 41 -50.62 -14.54 9.08
C GLY C 41 -49.15 -14.88 9.18
N ASN C 42 -48.60 -15.55 8.17
CA ASN C 42 -47.18 -15.87 8.17
C ASN C 42 -46.36 -14.72 7.60
N ASN C 43 -45.16 -14.50 8.15
CA ASN C 43 -44.29 -13.43 7.67
C ASN C 43 -43.69 -13.78 6.31
N ILE C 44 -43.83 -12.87 5.34
CA ILE C 44 -43.24 -13.05 4.02
C ILE C 44 -41.81 -12.50 4.04
N TYR C 45 -40.85 -13.38 4.27
CA TYR C 45 -39.48 -12.93 4.46
C TYR C 45 -38.77 -12.64 3.16
N LEU C 46 -37.91 -11.63 3.20
CA LEU C 46 -37.12 -11.21 2.04
C LEU C 46 -35.66 -11.08 2.47
N LEU C 47 -34.76 -11.67 1.69
CA LEU C 47 -33.34 -11.57 1.97
C LEU C 47 -32.70 -10.56 1.03
N LYS C 48 -31.88 -9.67 1.59
CA LYS C 48 -31.15 -8.71 0.78
C LYS C 48 -29.69 -9.16 0.74
N VAL C 49 -29.24 -9.66 -0.41
CA VAL C 49 -27.91 -10.22 -0.54
C VAL C 49 -26.99 -9.22 -1.22
N GLY C 50 -25.88 -8.89 -0.58
CA GLY C 50 -24.96 -7.93 -1.17
C GLY C 50 -24.10 -7.24 -0.15
N LYS C 51 -23.01 -6.63 -0.60
CA LYS C 51 -22.13 -5.88 0.28
C LYS C 51 -22.76 -4.52 0.53
N PRO C 52 -23.06 -4.21 1.81
CA PRO C 52 -23.79 -2.99 2.14
C PRO C 52 -23.12 -1.72 1.62
N GLY C 53 -23.92 -0.83 1.06
CA GLY C 53 -23.41 0.41 0.51
C GLY C 53 -24.54 1.33 0.09
N PRO C 54 -24.23 2.60 -0.22
CA PRO C 54 -25.21 3.62 -0.62
C PRO C 54 -25.68 3.51 -2.07
N ASN C 55 -26.92 3.93 -2.32
CA ASN C 55 -27.40 4.15 -3.68
C ASN C 55 -27.23 2.92 -4.56
N LYS C 56 -27.41 1.74 -3.98
CA LYS C 56 -27.19 0.50 -4.73
C LYS C 56 -28.40 0.13 -5.58
N PRO C 57 -28.18 -0.14 -6.87
CA PRO C 57 -29.21 -0.79 -7.70
C PRO C 57 -29.40 -2.23 -7.22
N ALA C 58 -30.43 -2.90 -7.71
CA ALA C 58 -30.71 -4.25 -7.28
C ALA C 58 -31.34 -5.10 -8.37
N ILE C 59 -31.20 -6.41 -8.23
CA ILE C 59 -31.99 -7.35 -8.99
C ILE C 59 -32.92 -8.04 -8.01
N PHE C 60 -34.18 -8.24 -8.41
CA PHE C 60 -35.16 -8.86 -7.53
C PHE C 60 -35.55 -10.24 -8.06
N MET C 61 -35.45 -11.24 -7.20
CA MET C 61 -35.85 -12.60 -7.57
C MET C 61 -36.77 -13.18 -6.52
N ASP C 62 -37.90 -13.74 -6.97
CA ASP C 62 -38.76 -14.48 -6.05
C ASP C 62 -38.92 -15.93 -6.49
N CYS C 63 -39.20 -16.79 -5.52
CA CYS C 63 -39.54 -18.18 -5.77
C CYS C 63 -40.86 -18.49 -5.07
N GLY C 64 -41.44 -19.64 -5.40
CA GLY C 64 -42.58 -20.12 -4.64
C GLY C 64 -43.88 -19.36 -4.83
N PHE C 65 -44.06 -18.72 -5.98
CA PHE C 65 -45.36 -18.16 -6.32
C PHE C 65 -46.40 -19.27 -6.20
N HIS C 66 -46.06 -20.42 -6.79
CA HIS C 66 -46.99 -21.53 -6.89
C HIS C 66 -46.54 -22.67 -5.99
N ALA C 67 -47.45 -23.13 -5.15
CA ALA C 67 -47.09 -23.95 -4.00
C ALA C 67 -46.43 -25.26 -4.39
N ARG C 68 -46.96 -25.91 -5.43
CA ARG C 68 -46.51 -27.24 -5.82
C ARG C 68 -45.18 -27.27 -6.59
N GLU C 69 -44.68 -26.09 -6.95
CA GLU C 69 -43.45 -26.03 -7.75
C GLU C 69 -42.22 -26.01 -6.84
N TRP C 70 -42.00 -27.14 -6.18
CA TRP C 70 -41.03 -27.21 -5.09
C TRP C 70 -39.59 -26.90 -5.49
N ILE C 71 -39.22 -27.20 -6.73
CA ILE C 71 -37.85 -26.95 -7.18
C ILE C 71 -37.57 -25.44 -7.23
N SER C 72 -38.62 -24.64 -7.38
CA SER C 72 -38.45 -23.19 -7.36
C SER C 72 -37.96 -22.72 -5.99
N HIS C 73 -38.67 -23.12 -4.93
CA HIS C 73 -38.28 -22.75 -3.57
C HIS C 73 -36.85 -23.20 -3.33
N ALA C 74 -36.52 -24.39 -3.81
CA ALA C 74 -35.18 -24.94 -3.60
C ALA C 74 -34.13 -24.07 -4.26
N PHE C 75 -34.44 -23.51 -5.42
CA PHE C 75 -33.44 -22.71 -6.12
C PHE C 75 -33.08 -21.41 -5.39
N CYS C 76 -34.07 -20.71 -4.84
CA CYS C 76 -33.76 -19.47 -4.15
C CYS C 76 -32.78 -19.73 -3.01
N GLN C 77 -32.96 -20.86 -2.34
CA GLN C 77 -32.05 -21.23 -1.25
C GLN C 77 -30.65 -21.52 -1.79
N TRP C 78 -30.59 -22.28 -2.87
CA TRP C 78 -29.32 -22.60 -3.50
C TRP C 78 -28.58 -21.32 -3.91
N PHE C 79 -29.29 -20.37 -4.50
CA PHE C 79 -28.68 -19.15 -4.96
C PHE C 79 -27.98 -18.40 -3.83
N VAL C 80 -28.65 -18.29 -2.69
CA VAL C 80 -28.08 -17.58 -1.55
C VAL C 80 -26.80 -18.25 -1.09
N ARG C 81 -26.81 -19.58 -1.07
CA ARG C 81 -25.64 -20.35 -0.66
C ARG C 81 -24.47 -20.12 -1.63
N GLU C 82 -24.77 -20.05 -2.92
CA GLU C 82 -23.72 -19.80 -3.90
C GLU C 82 -23.14 -18.41 -3.73
N ALA C 83 -24.00 -17.46 -3.37
CA ALA C 83 -23.55 -16.09 -3.14
C ALA C 83 -22.52 -16.05 -2.02
N VAL C 84 -22.78 -16.80 -0.95
CA VAL C 84 -21.87 -16.84 0.19
C VAL C 84 -20.63 -17.68 -0.11
N LEU C 85 -20.78 -18.70 -0.95
CA LEU C 85 -19.65 -19.55 -1.32
C LEU C 85 -18.68 -18.85 -2.25
N THR C 86 -19.15 -17.86 -3.00
CA THR C 86 -18.34 -17.29 -4.07
C THR C 86 -18.00 -15.81 -3.95
N TYR C 87 -18.73 -15.07 -3.12
CA TYR C 87 -18.38 -13.66 -2.95
C TYR C 87 -17.00 -13.53 -2.32
N GLY C 88 -16.15 -12.72 -2.94
CA GLY C 88 -14.80 -12.55 -2.43
C GLY C 88 -13.82 -13.54 -3.01
N TYR C 89 -14.32 -14.48 -3.82
CA TYR C 89 -13.47 -15.47 -4.45
C TYR C 89 -13.46 -15.37 -5.97
N GLU C 90 -14.63 -15.30 -6.57
CA GLU C 90 -14.71 -15.20 -8.02
C GLU C 90 -15.03 -13.77 -8.43
N SER C 91 -14.48 -13.36 -9.57
CA SER C 91 -14.58 -11.97 -10.00
C SER C 91 -16.02 -11.53 -10.20
N HIS C 92 -16.82 -12.37 -10.85
CA HIS C 92 -18.16 -11.97 -11.22
C HIS C 92 -19.07 -11.76 -10.02
N MET C 93 -19.22 -12.77 -9.15
CA MET C 93 -20.10 -12.61 -8.01
C MET C 93 -19.62 -11.47 -7.11
N THR C 94 -18.31 -11.25 -7.07
CA THR C 94 -17.76 -10.19 -6.24
C THR C 94 -18.15 -8.82 -6.76
N GLU C 95 -17.97 -8.60 -8.06
CA GLU C 95 -18.34 -7.32 -8.65
C GLU C 95 -19.86 -7.15 -8.62
N PHE C 96 -20.59 -8.25 -8.78
CA PHE C 96 -22.06 -8.21 -8.73
C PHE C 96 -22.52 -7.61 -7.40
N LEU C 97 -22.07 -8.20 -6.30
CA LEU C 97 -22.59 -7.87 -4.99
C LEU C 97 -21.95 -6.64 -4.38
N ASN C 98 -20.85 -6.19 -4.98
CA ASN C 98 -20.28 -4.90 -4.58
C ASN C 98 -21.12 -3.75 -5.12
N LYS C 99 -21.56 -3.86 -6.37
CA LYS C 99 -22.30 -2.77 -7.03
C LYS C 99 -23.79 -2.84 -6.75
N LEU C 100 -24.36 -4.04 -6.79
CA LEU C 100 -25.79 -4.19 -6.62
C LEU C 100 -26.16 -5.11 -5.46
N ASP C 101 -27.43 -5.03 -5.04
CA ASP C 101 -27.99 -6.00 -4.13
C ASP C 101 -28.81 -7.01 -4.92
N PHE C 102 -28.88 -8.23 -4.41
CA PHE C 102 -29.77 -9.23 -4.97
C PHE C 102 -30.85 -9.51 -3.94
N TYR C 103 -32.07 -9.06 -4.24
CA TYR C 103 -33.20 -9.37 -3.39
C TYR C 103 -33.69 -10.78 -3.70
N VAL C 104 -33.80 -11.60 -2.66
CA VAL C 104 -34.29 -12.95 -2.83
C VAL C 104 -35.47 -13.20 -1.90
N LEU C 105 -36.64 -13.40 -2.49
CA LEU C 105 -37.83 -13.73 -1.72
C LEU C 105 -38.04 -15.23 -1.87
N PRO C 106 -37.61 -16.01 -0.87
CA PRO C 106 -37.54 -17.48 -0.99
C PRO C 106 -38.87 -18.16 -1.27
N VAL C 107 -39.92 -17.70 -0.59
CA VAL C 107 -41.26 -18.25 -0.78
C VAL C 107 -42.30 -17.14 -0.66
N LEU C 108 -42.98 -16.82 -1.76
CA LEU C 108 -44.03 -15.83 -1.71
C LEU C 108 -45.31 -16.44 -1.14
N ASN C 109 -45.72 -17.57 -1.69
CA ASN C 109 -46.98 -18.21 -1.34
C ASN C 109 -46.76 -19.23 -0.23
N ILE C 110 -46.47 -18.74 0.97
CA ILE C 110 -46.14 -19.57 2.12
C ILE C 110 -47.31 -20.45 2.57
N ASP C 111 -48.50 -19.87 2.60
CA ASP C 111 -49.68 -20.62 3.03
C ASP C 111 -49.90 -21.82 2.11
N GLY C 112 -49.77 -21.59 0.82
CA GLY C 112 -49.95 -22.67 -0.13
C GLY C 112 -48.86 -23.73 -0.04
N TYR C 113 -47.63 -23.29 0.18
CA TYR C 113 -46.52 -24.22 0.32
C TYR C 113 -46.73 -25.14 1.51
N ILE C 114 -47.11 -24.56 2.65
CA ILE C 114 -47.41 -25.35 3.83
C ILE C 114 -48.48 -26.39 3.51
N TYR C 115 -49.48 -25.98 2.73
CA TYR C 115 -50.57 -26.87 2.39
C TYR C 115 -50.09 -28.06 1.53
N THR C 116 -49.10 -27.84 0.68
CA THR C 116 -48.57 -28.94 -0.15
C THR C 116 -47.81 -29.96 0.69
N TRP C 117 -47.35 -29.52 1.86
CA TRP C 117 -46.62 -30.40 2.77
C TRP C 117 -47.55 -31.15 3.72
N THR C 118 -48.63 -30.49 4.12
CA THR C 118 -49.53 -31.05 5.13
C THR C 118 -50.70 -31.79 4.53
N LYS C 119 -51.17 -31.35 3.37
CA LYS C 119 -52.41 -31.84 2.81
C LYS C 119 -52.34 -32.23 1.34
N ASN C 120 -52.20 -31.23 0.48
CA ASN C 120 -52.43 -31.44 -0.94
C ASN C 120 -51.19 -31.07 -1.76
N ARG C 121 -50.44 -32.07 -2.17
CA ARG C 121 -49.17 -31.86 -2.85
C ARG C 121 -49.31 -31.05 -4.14
N MET C 122 -50.50 -31.10 -4.75
CA MET C 122 -50.72 -30.40 -6.01
C MET C 122 -51.36 -29.03 -5.87
N TRP C 123 -51.38 -28.49 -4.65
CA TRP C 123 -51.96 -27.15 -4.46
C TRP C 123 -51.13 -26.11 -5.18
N ARG C 124 -51.81 -25.10 -5.74
CA ARG C 124 -51.17 -24.08 -6.56
C ARG C 124 -51.41 -22.67 -6.03
N LYS C 125 -52.66 -22.39 -5.69
CA LYS C 125 -53.10 -21.04 -5.36
C LYS C 125 -52.72 -20.62 -3.94
N THR C 126 -53.10 -19.40 -3.56
CA THR C 126 -53.07 -19.00 -2.16
C THR C 126 -54.11 -19.81 -1.39
N ARG C 127 -54.28 -19.50 -0.11
CA ARG C 127 -55.24 -20.23 0.72
C ARG C 127 -56.31 -19.32 1.33
N SER C 128 -56.52 -18.17 0.71
CA SER C 128 -57.51 -17.22 1.21
C SER C 128 -58.93 -17.65 0.87
N THR C 129 -59.88 -17.13 1.63
CA THR C 129 -61.29 -17.41 1.40
C THR C 129 -61.84 -16.57 0.26
N ASN C 130 -62.86 -17.10 -0.40
CA ASN C 130 -63.55 -16.38 -1.47
C ASN C 130 -65.01 -16.20 -1.10
N ALA C 131 -65.54 -14.99 -1.32
CA ALA C 131 -66.87 -14.64 -0.86
C ALA C 131 -67.95 -15.51 -1.49
N GLY C 132 -68.72 -16.20 -0.64
CA GLY C 132 -69.90 -16.91 -1.12
C GLY C 132 -69.64 -18.28 -1.73
N THR C 133 -68.43 -18.81 -1.53
CA THR C 133 -68.11 -20.13 -2.04
C THR C 133 -67.17 -20.86 -1.08
N THR C 134 -67.22 -22.18 -1.13
CA THR C 134 -66.32 -23.00 -0.33
C THR C 134 -64.96 -23.15 -1.00
N CYS C 135 -64.86 -22.77 -2.26
CA CYS C 135 -63.59 -22.87 -2.97
C CYS C 135 -62.56 -21.87 -2.46
N ILE C 136 -61.35 -22.37 -2.25
CA ILE C 136 -60.28 -21.60 -1.62
C ILE C 136 -59.24 -21.13 -2.63
N GLY C 137 -58.76 -19.90 -2.47
CA GLY C 137 -57.52 -19.52 -3.11
C GLY C 137 -57.64 -18.74 -4.41
N THR C 138 -56.61 -17.94 -4.66
CA THR C 138 -56.48 -17.18 -5.89
C THR C 138 -55.12 -17.52 -6.49
N ASP C 139 -55.03 -17.58 -7.81
CA ASP C 139 -53.76 -17.79 -8.48
C ASP C 139 -52.94 -16.50 -8.37
N PRO C 140 -51.83 -16.52 -7.61
CA PRO C 140 -51.09 -15.28 -7.44
C PRO C 140 -50.56 -14.71 -8.75
N ASN C 141 -50.25 -15.58 -9.71
CA ASN C 141 -49.71 -15.10 -10.97
C ASN C 141 -50.82 -14.84 -11.99
N ARG C 142 -52.04 -14.67 -11.50
CA ARG C 142 -53.10 -14.07 -12.30
C ARG C 142 -53.66 -12.82 -11.60
N ASN C 143 -52.99 -12.38 -10.54
CA ASN C 143 -53.55 -11.40 -9.62
C ASN C 143 -52.86 -10.03 -9.71
N PHE C 144 -51.96 -9.87 -10.67
CA PHE C 144 -51.29 -8.59 -10.86
C PHE C 144 -51.97 -7.71 -11.90
N ASP C 145 -51.69 -6.42 -11.85
CA ASP C 145 -52.36 -5.44 -12.70
C ASP C 145 -51.70 -5.36 -14.07
N ALA C 146 -51.72 -6.48 -14.79
CA ALA C 146 -51.22 -6.53 -16.16
C ALA C 146 -52.28 -7.12 -17.06
N GLY C 147 -53.02 -6.27 -17.75
CA GLY C 147 -54.16 -6.72 -18.51
C GLY C 147 -55.04 -7.64 -17.66
N TRP C 148 -55.23 -7.26 -16.41
CA TRP C 148 -55.76 -8.18 -15.40
C TRP C 148 -56.99 -8.97 -15.84
N CYS C 149 -56.88 -10.29 -15.75
CA CYS C 149 -57.95 -11.24 -15.99
C CYS C 149 -58.57 -11.22 -17.39
N THR C 150 -57.88 -10.62 -18.36
CA THR C 150 -58.44 -10.48 -19.70
C THR C 150 -58.25 -11.70 -20.57
N THR C 151 -57.24 -12.52 -20.27
CA THR C 151 -57.05 -13.75 -21.02
C THR C 151 -56.29 -14.79 -20.19
N GLY C 152 -56.52 -16.07 -20.51
CA GLY C 152 -55.79 -17.13 -19.86
C GLY C 152 -55.95 -17.15 -18.36
N ALA C 153 -57.10 -16.70 -17.87
CA ALA C 153 -57.39 -16.65 -16.45
C ALA C 153 -58.87 -16.93 -16.24
N SER C 154 -59.20 -17.51 -15.08
CA SER C 154 -60.59 -17.85 -14.79
C SER C 154 -61.22 -16.89 -13.80
N THR C 155 -62.52 -16.64 -13.97
CA THR C 155 -63.28 -15.82 -13.02
C THR C 155 -63.98 -16.69 -11.98
N ASP C 156 -63.77 -18.01 -12.09
CA ASP C 156 -64.39 -18.97 -11.18
C ASP C 156 -63.42 -19.30 -10.04
N PRO C 157 -63.84 -19.04 -8.79
CA PRO C 157 -62.97 -19.20 -7.61
C PRO C 157 -62.51 -20.64 -7.44
N CYS C 158 -63.22 -21.55 -8.09
CA CYS C 158 -62.95 -22.98 -7.93
C CYS C 158 -61.89 -23.49 -8.91
N ASP C 159 -61.46 -22.62 -9.82
CA ASP C 159 -60.45 -23.00 -10.81
C ASP C 159 -59.07 -22.62 -10.29
N GLU C 160 -58.03 -23.32 -10.76
CA GLU C 160 -56.71 -23.05 -10.21
C GLU C 160 -56.03 -21.86 -10.84
N THR C 161 -56.64 -21.27 -11.87
CA THR C 161 -56.15 -20.00 -12.42
C THR C 161 -57.08 -18.83 -12.10
N TYR C 162 -57.89 -18.97 -11.06
CA TYR C 162 -58.74 -17.88 -10.60
C TYR C 162 -57.94 -16.59 -10.45
N CYS C 163 -58.42 -15.52 -11.07
CA CYS C 163 -57.66 -14.29 -11.09
C CYS C 163 -57.90 -13.40 -9.87
N GLY C 164 -58.87 -13.79 -9.04
CA GLY C 164 -59.17 -13.01 -7.87
C GLY C 164 -60.31 -12.03 -8.06
N SER C 165 -60.70 -11.37 -6.98
CA SER C 165 -61.80 -10.41 -7.02
C SER C 165 -61.38 -9.10 -7.67
N ALA C 166 -60.09 -8.80 -7.59
CA ALA C 166 -59.51 -7.60 -8.20
C ALA C 166 -58.01 -7.79 -8.20
N ALA C 167 -57.29 -7.02 -9.01
CA ALA C 167 -55.84 -7.08 -8.97
C ALA C 167 -55.36 -6.78 -7.56
N GLU C 168 -54.36 -7.55 -7.12
CA GLU C 168 -53.74 -7.38 -5.80
C GLU C 168 -54.74 -7.56 -4.66
N SER C 169 -55.77 -8.37 -4.90
CA SER C 169 -56.74 -8.69 -3.85
C SER C 169 -56.10 -9.55 -2.75
N GLU C 170 -55.05 -10.29 -3.10
CA GLU C 170 -54.36 -11.14 -2.15
C GLU C 170 -53.31 -10.35 -1.36
N LYS C 171 -53.22 -10.62 -0.06
CA LYS C 171 -52.23 -9.94 0.77
C LYS C 171 -50.82 -10.16 0.22
N GLU C 172 -50.55 -11.36 -0.27
CA GLU C 172 -49.21 -11.71 -0.74
C GLU C 172 -48.82 -10.93 -1.97
N THR C 173 -49.75 -10.81 -2.92
CA THR C 173 -49.42 -10.12 -4.16
C THR C 173 -49.43 -8.61 -3.98
N LYS C 174 -50.32 -8.12 -3.14
CA LYS C 174 -50.29 -6.71 -2.77
C LYS C 174 -48.95 -6.38 -2.10
N ALA C 175 -48.50 -7.26 -1.22
CA ALA C 175 -47.24 -7.02 -0.53
C ALA C 175 -46.07 -6.98 -1.52
N LEU C 176 -46.06 -7.88 -2.49
CA LEU C 176 -44.98 -7.90 -3.47
C LEU C 176 -45.03 -6.68 -4.38
N ALA C 177 -46.23 -6.36 -4.88
CA ALA C 177 -46.40 -5.19 -5.73
C ALA C 177 -46.04 -3.91 -4.98
N ASP C 178 -46.46 -3.81 -3.72
CA ASP C 178 -46.11 -2.66 -2.90
C ASP C 178 -44.59 -2.55 -2.77
N PHE C 179 -43.93 -3.66 -2.48
CA PHE C 179 -42.49 -3.62 -2.30
C PHE C 179 -41.78 -3.16 -3.56
N ILE C 180 -42.18 -3.71 -4.70
CA ILE C 180 -41.54 -3.35 -5.96
C ILE C 180 -41.83 -1.90 -6.32
N ARG C 181 -43.08 -1.48 -6.22
CA ARG C 181 -43.41 -0.07 -6.48
C ARG C 181 -42.60 0.85 -5.55
N ASN C 182 -42.41 0.43 -4.31
CA ASN C 182 -41.71 1.24 -3.31
C ASN C 182 -40.20 1.21 -3.50
N ASN C 183 -39.73 0.30 -4.33
CA ASN C 183 -38.29 0.15 -4.55
C ASN C 183 -37.89 0.17 -6.01
N LEU C 184 -38.68 0.86 -6.83
CA LEU C 184 -38.31 1.06 -8.24
C LEU C 184 -37.01 1.85 -8.34
N SER C 185 -36.65 2.50 -7.25
CA SER C 185 -35.40 3.27 -7.20
C SER C 185 -34.18 2.37 -7.34
N SER C 186 -34.32 1.11 -6.93
CA SER C 186 -33.19 0.18 -7.01
C SER C 186 -33.38 -0.93 -8.03
N ILE C 187 -34.59 -1.47 -8.14
CA ILE C 187 -34.79 -2.71 -8.89
C ILE C 187 -34.74 -2.52 -10.41
N LYS C 188 -33.72 -3.11 -11.04
CA LYS C 188 -33.52 -2.94 -12.48
C LYS C 188 -33.77 -4.23 -13.27
N ALA C 189 -33.94 -5.34 -12.56
CA ALA C 189 -34.34 -6.58 -13.20
C ALA C 189 -35.20 -7.41 -12.25
N TYR C 190 -36.14 -8.15 -12.83
CA TYR C 190 -37.07 -8.96 -12.06
C TYR C 190 -37.05 -10.39 -12.58
N LEU C 191 -36.78 -11.34 -11.70
CA LEU C 191 -36.69 -12.75 -12.07
C LEU C 191 -37.63 -13.54 -11.19
N THR C 192 -38.57 -14.25 -11.80
CA THR C 192 -39.54 -15.01 -11.02
C THR C 192 -39.46 -16.49 -11.40
N ILE C 193 -39.24 -17.33 -10.39
CA ILE C 193 -38.84 -18.71 -10.63
C ILE C 193 -40.02 -19.66 -10.46
N HIS C 194 -40.28 -20.44 -11.51
CA HIS C 194 -41.39 -21.40 -11.54
C HIS C 194 -40.87 -22.75 -12.04
N SER C 195 -41.75 -23.75 -12.04
CA SER C 195 -41.52 -24.99 -12.78
C SER C 195 -42.90 -25.48 -13.22
N TYR C 196 -42.98 -26.38 -14.20
CA TYR C 196 -41.81 -26.90 -14.94
C TYR C 196 -42.02 -26.56 -16.42
N SER C 197 -40.96 -26.72 -17.22
CA SER C 197 -41.06 -26.69 -18.69
C SER C 197 -39.71 -26.44 -19.34
N GLN C 198 -38.72 -26.05 -18.54
CA GLN C 198 -37.39 -25.73 -19.05
C GLN C 198 -37.45 -24.63 -20.11
N MET C 199 -37.87 -23.44 -19.65
CA MET C 199 -38.00 -22.27 -20.50
C MET C 199 -37.55 -21.02 -19.78
N ILE C 200 -37.11 -20.04 -20.56
CA ILE C 200 -37.00 -18.67 -20.08
C ILE C 200 -37.98 -17.84 -20.89
N LEU C 201 -38.95 -17.24 -20.23
CA LEU C 201 -39.94 -16.41 -20.92
C LEU C 201 -39.73 -14.94 -20.58
N TYR C 202 -39.93 -14.07 -21.56
CA TYR C 202 -40.03 -12.64 -21.30
C TYR C 202 -41.40 -12.12 -21.75
N PRO C 203 -41.72 -10.86 -21.44
CA PRO C 203 -43.04 -10.33 -21.80
C PRO C 203 -43.27 -10.34 -23.32
N TYR C 204 -44.54 -10.36 -23.74
CA TYR C 204 -45.69 -10.37 -22.84
C TYR C 204 -46.43 -11.71 -22.86
N SER C 205 -47.16 -11.96 -21.79
CA SER C 205 -48.11 -13.07 -21.77
C SER C 205 -49.56 -12.61 -21.84
N TYR C 206 -49.85 -11.38 -21.39
CA TYR C 206 -51.24 -10.94 -21.36
C TYR C 206 -51.72 -10.44 -22.71
N ASP C 207 -50.80 -10.27 -23.65
CA ASP C 207 -51.13 -9.85 -25.00
C ASP C 207 -50.07 -10.39 -25.95
N TYR C 208 -50.40 -10.49 -27.23
CA TYR C 208 -49.44 -10.97 -28.23
C TYR C 208 -48.46 -9.90 -28.69
N LYS C 209 -48.66 -8.67 -28.22
CA LYS C 209 -47.74 -7.59 -28.56
C LYS C 209 -46.36 -7.88 -27.96
N LEU C 210 -45.32 -7.32 -28.56
CA LEU C 210 -43.97 -7.53 -28.08
C LEU C 210 -43.44 -6.33 -27.30
N PRO C 211 -42.57 -6.57 -26.32
CA PRO C 211 -41.89 -5.49 -25.60
C PRO C 211 -40.96 -4.74 -26.55
N GLU C 212 -40.75 -3.46 -26.31
CA GLU C 212 -39.96 -2.65 -27.21
C GLU C 212 -38.54 -3.18 -27.37
N ASN C 213 -37.97 -3.73 -26.30
CA ASN C 213 -36.62 -4.30 -26.39
C ASN C 213 -36.64 -5.82 -26.59
N ASN C 214 -37.56 -6.29 -27.43
CA ASN C 214 -37.70 -7.74 -27.61
C ASN C 214 -36.47 -8.40 -28.23
N ALA C 215 -35.76 -7.67 -29.10
CA ALA C 215 -34.54 -8.21 -29.70
C ALA C 215 -33.47 -8.40 -28.62
N GLU C 216 -33.38 -7.43 -27.71
CA GLU C 216 -32.43 -7.50 -26.61
C GLU C 216 -32.76 -8.67 -25.70
N LEU C 217 -34.04 -8.81 -25.36
CA LEU C 217 -34.46 -9.84 -24.42
C LEU C 217 -34.31 -11.22 -25.04
N ASN C 218 -34.56 -11.32 -26.33
CA ASN C 218 -34.42 -12.60 -27.03
C ASN C 218 -32.94 -13.01 -27.09
N ASN C 219 -32.08 -12.05 -27.38
CA ASN C 219 -30.64 -12.32 -27.42
C ASN C 219 -30.13 -12.73 -26.04
N LEU C 220 -30.63 -12.07 -25.01
CA LEU C 220 -30.20 -12.34 -23.65
C LEU C 220 -30.65 -13.74 -23.23
N ALA C 221 -31.90 -14.08 -23.55
CA ALA C 221 -32.43 -15.40 -23.22
C ALA C 221 -31.69 -16.48 -24.01
N LYS C 222 -31.40 -16.19 -25.27
CA LYS C 222 -30.69 -17.13 -26.13
C LYS C 222 -29.34 -17.47 -25.50
N ALA C 223 -28.60 -16.45 -25.10
CA ALA C 223 -27.28 -16.65 -24.51
C ALA C 223 -27.38 -17.35 -23.17
N ALA C 224 -28.43 -17.04 -22.41
CA ALA C 224 -28.57 -17.59 -21.06
C ALA C 224 -28.87 -19.09 -21.10
N VAL C 225 -29.68 -19.52 -22.07
CA VAL C 225 -30.01 -20.94 -22.17
C VAL C 225 -28.81 -21.72 -22.72
N LYS C 226 -27.97 -21.05 -23.51
CA LYS C 226 -26.73 -21.67 -23.97
C LYS C 226 -25.81 -21.91 -22.78
N GLU C 227 -25.70 -20.91 -21.91
CA GLU C 227 -24.88 -21.02 -20.71
C GLU C 227 -25.38 -22.17 -19.83
N LEU C 228 -26.71 -22.27 -19.69
CA LEU C 228 -27.30 -23.30 -18.84
C LEU C 228 -26.94 -24.69 -19.35
N ALA C 229 -26.94 -24.86 -20.66
CA ALA C 229 -26.75 -26.17 -21.27
C ALA C 229 -25.33 -26.70 -21.13
N THR C 230 -24.38 -25.83 -20.81
CA THR C 230 -22.97 -26.22 -20.77
C THR C 230 -22.67 -27.23 -19.67
N LEU C 231 -23.50 -27.27 -18.64
CA LEU C 231 -23.20 -28.09 -17.47
C LEU C 231 -23.66 -29.53 -17.65
N TYR C 232 -24.94 -29.73 -17.97
CA TYR C 232 -25.49 -31.08 -18.08
C TYR C 232 -26.22 -31.32 -19.39
N GLY C 233 -26.17 -30.35 -20.29
CA GLY C 233 -26.76 -30.50 -21.61
C GLY C 233 -28.27 -30.30 -21.61
N THR C 234 -28.79 -29.78 -20.51
CA THR C 234 -30.24 -29.56 -20.39
C THR C 234 -30.70 -28.49 -21.38
N LYS C 235 -31.76 -28.79 -22.12
CA LYS C 235 -32.22 -27.92 -23.19
C LYS C 235 -33.41 -27.07 -22.76
N TYR C 236 -33.22 -25.76 -22.75
CA TYR C 236 -34.30 -24.79 -22.50
C TYR C 236 -34.71 -24.14 -23.81
N THR C 237 -36.00 -23.84 -23.95
CA THR C 237 -36.45 -22.93 -24.99
C THR C 237 -36.77 -21.57 -24.38
N TYR C 238 -37.08 -20.58 -25.23
CA TYR C 238 -37.27 -19.23 -24.75
C TYR C 238 -38.06 -18.39 -25.74
N GLY C 239 -38.60 -17.29 -25.24
CA GLY C 239 -39.33 -16.37 -26.10
C GLY C 239 -40.39 -15.65 -25.31
N PRO C 240 -41.21 -14.81 -25.98
CA PRO C 240 -42.30 -14.12 -25.29
C PRO C 240 -43.34 -15.11 -24.75
N GLY C 241 -43.84 -14.84 -23.55
CA GLY C 241 -44.71 -15.79 -22.89
C GLY C 241 -45.89 -16.27 -23.71
N ALA C 242 -46.61 -15.34 -24.33
CA ALA C 242 -47.90 -15.66 -24.95
C ALA C 242 -47.75 -16.71 -26.05
N THR C 243 -46.68 -16.60 -26.82
CA THR C 243 -46.50 -17.48 -27.96
C THR C 243 -45.62 -18.68 -27.67
N THR C 244 -44.86 -18.60 -26.57
CA THR C 244 -43.92 -19.67 -26.24
C THR C 244 -44.55 -20.74 -25.35
N ILE C 245 -45.46 -20.33 -24.46
CA ILE C 245 -46.14 -21.31 -23.61
C ILE C 245 -47.67 -21.17 -23.69
N TYR C 246 -48.20 -20.02 -23.29
CA TYR C 246 -49.61 -19.70 -23.49
C TYR C 246 -49.95 -18.28 -23.08
N PRO C 247 -50.99 -17.70 -23.68
CA PRO C 247 -51.44 -16.39 -23.20
C PRO C 247 -52.02 -16.50 -21.79
N ALA C 248 -51.67 -15.53 -20.95
CA ALA C 248 -52.17 -15.48 -19.58
C ALA C 248 -51.93 -14.09 -19.02
N ALA C 249 -52.98 -13.47 -18.51
CA ALA C 249 -52.90 -12.12 -17.98
C ALA C 249 -52.65 -12.12 -16.48
N GLY C 250 -52.25 -10.96 -15.95
CA GLY C 250 -52.17 -10.80 -14.51
C GLY C 250 -50.90 -11.35 -13.90
N GLY C 251 -49.88 -11.59 -14.73
CA GLY C 251 -48.63 -12.13 -14.22
C GLY C 251 -47.66 -11.06 -13.76
N SER C 252 -46.80 -11.41 -12.81
CA SER C 252 -45.90 -10.43 -12.21
C SER C 252 -44.77 -10.01 -13.15
N ASP C 253 -44.35 -10.90 -14.03
CA ASP C 253 -43.30 -10.55 -14.98
C ASP C 253 -43.75 -9.43 -15.94
N ASP C 254 -44.98 -9.53 -16.44
CA ASP C 254 -45.50 -8.49 -17.32
C ASP C 254 -45.73 -7.20 -16.56
N TRP C 255 -46.24 -7.32 -15.34
CA TRP C 255 -46.51 -6.14 -14.52
C TRP C 255 -45.21 -5.42 -14.18
N ALA C 256 -44.20 -6.17 -13.77
CA ALA C 256 -42.92 -5.57 -13.42
C ALA C 256 -42.35 -4.86 -14.63
N TYR C 257 -42.48 -5.47 -15.80
CA TYR C 257 -41.96 -4.87 -17.02
C TYR C 257 -42.62 -3.53 -17.30
N ASP C 258 -43.93 -3.46 -17.11
CA ASP C 258 -44.67 -2.24 -17.38
C ASP C 258 -44.45 -1.17 -16.30
N GLN C 259 -43.76 -1.55 -15.22
CA GLN C 259 -43.28 -0.59 -14.23
C GLN C 259 -41.96 0.04 -14.68
N GLY C 260 -41.43 -0.44 -15.80
CA GLY C 260 -40.20 0.12 -16.34
C GLY C 260 -38.99 -0.75 -16.08
N ILE C 261 -39.21 -1.93 -15.51
CA ILE C 261 -38.12 -2.87 -15.28
C ILE C 261 -37.88 -3.68 -16.55
N LYS C 262 -36.87 -3.25 -17.31
CA LYS C 262 -36.67 -3.66 -18.70
C LYS C 262 -36.29 -5.12 -18.86
N TYR C 263 -35.71 -5.68 -17.79
CA TYR C 263 -35.26 -7.05 -17.81
C TYR C 263 -36.14 -7.83 -16.85
N SER C 264 -37.14 -8.49 -17.41
CA SER C 264 -38.12 -9.23 -16.63
C SER C 264 -38.27 -10.62 -17.25
N PHE C 265 -38.04 -11.65 -16.45
CA PHE C 265 -38.06 -13.02 -16.94
C PHE C 265 -38.79 -13.95 -15.98
N THR C 266 -39.60 -14.84 -16.55
CA THR C 266 -40.08 -16.00 -15.82
C THR C 266 -39.22 -17.21 -16.19
N PHE C 267 -38.62 -17.85 -15.20
CA PHE C 267 -37.90 -19.10 -15.41
C PHE C 267 -38.80 -20.29 -15.13
N GLU C 268 -38.76 -21.27 -16.03
CA GLU C 268 -39.44 -22.54 -15.79
C GLU C 268 -38.39 -23.63 -15.72
N LEU C 269 -38.15 -24.17 -14.53
CA LEU C 269 -37.07 -25.14 -14.36
C LEU C 269 -37.48 -26.55 -14.80
N ARG C 270 -36.64 -27.53 -14.49
CA ARG C 270 -36.90 -28.92 -14.86
C ARG C 270 -38.22 -29.41 -14.27
N ASP C 271 -38.83 -30.42 -14.89
CA ASP C 271 -38.34 -30.97 -16.16
C ASP C 271 -39.30 -30.61 -17.29
N LYS C 272 -39.53 -31.53 -18.21
CA LYS C 272 -40.48 -31.28 -19.29
C LYS C 272 -41.72 -32.16 -19.20
N GLY C 273 -41.94 -32.76 -18.02
CA GLY C 273 -43.20 -33.43 -17.77
C GLY C 273 -43.11 -34.87 -17.29
N ARG C 274 -41.91 -35.44 -17.31
CA ARG C 274 -41.77 -36.82 -16.85
C ARG C 274 -42.16 -36.91 -15.38
N TYR C 275 -41.57 -36.05 -14.56
CA TYR C 275 -41.93 -35.95 -13.16
C TYR C 275 -42.78 -34.71 -12.88
N GLY C 276 -42.70 -33.73 -13.76
CA GLY C 276 -43.50 -32.53 -13.60
C GLY C 276 -43.17 -31.78 -12.31
N PHE C 277 -44.19 -31.53 -11.50
CA PHE C 277 -44.01 -30.77 -10.26
C PHE C 277 -43.29 -31.60 -9.19
N ILE C 278 -43.37 -32.93 -9.32
CA ILE C 278 -42.78 -33.82 -8.34
C ILE C 278 -41.36 -34.20 -8.77
N LEU C 279 -40.52 -33.19 -8.95
CA LEU C 279 -39.14 -33.42 -9.37
C LEU C 279 -38.39 -34.13 -8.25
N PRO C 280 -37.69 -35.23 -8.58
CA PRO C 280 -36.96 -36.01 -7.56
C PRO C 280 -35.91 -35.16 -6.84
N GLU C 281 -35.77 -35.36 -5.54
CA GLU C 281 -34.76 -34.64 -4.77
C GLU C 281 -33.37 -34.87 -5.35
N SER C 282 -33.17 -36.00 -6.02
CA SER C 282 -31.87 -36.32 -6.59
C SER C 282 -31.51 -35.42 -7.78
N GLN C 283 -32.49 -34.65 -8.26
CA GLN C 283 -32.22 -33.72 -9.35
C GLN C 283 -32.04 -32.28 -8.88
N ILE C 284 -32.24 -32.04 -7.58
CA ILE C 284 -32.17 -30.68 -7.07
C ILE C 284 -30.81 -30.04 -7.34
N GLN C 285 -29.72 -30.71 -6.98
CA GLN C 285 -28.40 -30.12 -7.15
C GLN C 285 -28.09 -29.73 -8.60
N ALA C 286 -28.27 -30.67 -9.52
CA ALA C 286 -27.96 -30.40 -10.92
C ALA C 286 -28.85 -29.31 -11.48
N THR C 287 -30.12 -29.35 -11.12
CA THR C 287 -31.08 -28.36 -11.61
C THR C 287 -30.65 -26.97 -11.15
N CYS C 288 -30.32 -26.83 -9.88
CA CYS C 288 -29.92 -25.53 -9.35
C CYS C 288 -28.58 -25.07 -9.92
N GLU C 289 -27.64 -25.99 -10.09
CA GLU C 289 -26.33 -25.64 -10.61
C GLU C 289 -26.40 -25.07 -12.03
N GLU C 290 -27.17 -25.71 -12.90
CA GLU C 290 -27.25 -25.23 -14.27
C GLU C 290 -28.05 -23.92 -14.33
N THR C 291 -29.06 -23.81 -13.48
CA THR C 291 -29.87 -22.59 -13.46
C THR C 291 -29.02 -21.40 -13.03
N MET C 292 -28.09 -21.62 -12.10
CA MET C 292 -27.20 -20.56 -11.63
C MET C 292 -26.46 -19.90 -12.79
N LEU C 293 -26.10 -20.70 -13.79
CA LEU C 293 -25.32 -20.18 -14.90
C LEU C 293 -26.15 -19.22 -15.75
N ALA C 294 -27.43 -19.51 -15.90
CA ALA C 294 -28.33 -18.62 -16.64
C ALA C 294 -28.60 -17.36 -15.84
N ILE C 295 -28.83 -17.52 -14.54
CA ILE C 295 -29.09 -16.39 -13.65
C ILE C 295 -27.88 -15.45 -13.59
N LYS C 296 -26.68 -16.01 -13.45
CA LYS C 296 -25.48 -15.18 -13.41
C LYS C 296 -25.19 -14.52 -14.76
N TYR C 297 -25.55 -15.16 -15.86
CA TYR C 297 -25.34 -14.54 -17.17
C TYR C 297 -26.22 -13.32 -17.32
N VAL C 298 -27.48 -13.45 -16.91
CA VAL C 298 -28.40 -12.33 -16.95
C VAL C 298 -27.95 -11.22 -16.01
N THR C 299 -27.48 -11.60 -14.82
CA THR C 299 -27.03 -10.62 -13.85
C THR C 299 -25.84 -9.82 -14.38
N ASN C 300 -24.89 -10.51 -14.99
CA ASN C 300 -23.72 -9.83 -15.52
C ASN C 300 -24.11 -8.84 -16.61
N TYR C 301 -25.11 -9.19 -17.40
CA TYR C 301 -25.57 -8.28 -18.45
C TYR C 301 -26.25 -7.06 -17.84
N VAL C 302 -27.13 -7.29 -16.88
CA VAL C 302 -27.85 -6.18 -16.24
C VAL C 302 -26.87 -5.23 -15.56
N LEU C 303 -25.79 -5.78 -15.02
CA LEU C 303 -24.76 -4.99 -14.36
C LEU C 303 -24.25 -3.88 -15.28
N GLY C 304 -24.13 -4.19 -16.57
CA GLY C 304 -23.65 -3.19 -17.51
C GLY C 304 -24.74 -2.43 -18.23
N HIS C 305 -25.98 -2.62 -17.80
CA HIS C 305 -27.12 -1.99 -18.45
C HIS C 305 -28.14 -1.48 -17.44
N LEU C 306 -27.65 -0.76 -16.44
CA LEU C 306 -28.50 -0.25 -15.38
C LEU C 306 -29.19 1.05 -15.79
#